data_8B26
#
_entry.id   8B26
#
_cell.length_a   74.422
_cell.length_b   78.124
_cell.length_c   131.207
_cell.angle_alpha   90.00
_cell.angle_beta   90.00
_cell.angle_gamma   90.00
#
_symmetry.space_group_name_H-M   'P 21 21 21'
#
loop_
_entity.id
_entity.type
_entity.pdbx_description
1 polymer 'Dihydroprecondylocarpine acetate synthase 2'
2 non-polymer 'ZINC ION'
3 water water
#
_entity_poly.entity_id   1
_entity_poly.type   'polypeptide(L)'
_entity_poly.pdbx_seq_one_letter_code
;MAGKSPEEEHPVKAYGWAVKDRTTGILSPFKFSRRATGDNDIRIKILYCGICHTDLTSVKNEYEFLSYPLVPGMEIVGIA
TEVGSKVTKIKVGEKVAVAAYLGTCGKCYNCVNDLENYCPEVIIGYGTPYHDGTINYGGLSNETVVNERFVLRFPEKLSP
AGGAPLLSAGITAYSAMRNHGLDKPGIHLGVVGLGGLGHLAVKFAKAFGVRVTVISTTPSKKDEAINNLGADAFLFSRDD
KQMRAAIGTFDAIIDTLAVVHPIAPLLDLLRSHGKLVLVGAPSKPLELPTIPLLSGGKSLIGSAAGNVKQTQEMLDFAAE
HDITANIEVIPIDYINTAMERLDKGDIRFRFVVDIENTLTPPPEP
;
_entity_poly.pdbx_strand_id   A,B
#
# COMPACT_ATOMS: atom_id res chain seq x y z
N LYS A 4 -37.86 -22.57 10.49
CA LYS A 4 -37.75 -23.83 11.21
C LYS A 4 -36.76 -23.71 12.38
N SER A 5 -36.62 -24.80 13.14
CA SER A 5 -35.68 -24.89 14.25
C SER A 5 -34.36 -25.48 13.75
N PRO A 6 -33.25 -25.16 14.42
CA PRO A 6 -31.96 -25.73 14.00
C PRO A 6 -31.94 -27.24 13.86
N GLU A 7 -32.60 -27.99 14.76
CA GLU A 7 -32.60 -29.43 14.66
C GLU A 7 -33.52 -29.94 13.55
N GLU A 8 -34.48 -29.13 13.10
CA GLU A 8 -35.40 -29.52 12.05
C GLU A 8 -34.99 -29.00 10.67
N GLU A 9 -34.12 -27.99 10.64
CA GLU A 9 -33.80 -27.30 9.39
C GLU A 9 -33.14 -28.22 8.37
N HIS A 10 -32.42 -29.23 8.82
CA HIS A 10 -31.69 -30.15 7.95
C HIS A 10 -31.91 -31.59 8.38
N PRO A 11 -31.61 -32.56 7.50
CA PRO A 11 -31.92 -33.96 7.84
C PRO A 11 -31.03 -34.59 8.91
N VAL A 12 -29.75 -34.25 8.95
CA VAL A 12 -28.78 -34.97 9.79
C VAL A 12 -28.51 -34.19 11.06
N LYS A 13 -28.62 -34.85 12.20
CA LYS A 13 -28.48 -34.20 13.51
C LYS A 13 -27.02 -33.87 13.81
N ALA A 14 -26.82 -32.82 14.60
CA ALA A 14 -25.47 -32.38 14.98
C ALA A 14 -25.56 -31.54 16.24
N TYR A 15 -24.42 -31.40 16.92
CA TYR A 15 -24.39 -30.71 18.19
C TYR A 15 -23.02 -30.08 18.40
N GLY A 16 -23.00 -29.02 19.21
CA GLY A 16 -21.77 -28.33 19.56
C GLY A 16 -21.99 -27.32 20.66
N TRP A 17 -21.19 -26.26 20.67
CA TRP A 17 -21.38 -25.11 21.55
C TRP A 17 -21.56 -23.87 20.69
N ALA A 18 -22.31 -22.91 21.23
CA ALA A 18 -22.74 -21.77 20.44
C ALA A 18 -23.01 -20.58 21.34
N VAL A 19 -22.76 -19.39 20.81
CA VAL A 19 -23.18 -18.15 21.46
C VAL A 19 -24.66 -17.94 21.14
N LYS A 20 -25.51 -18.08 22.15
CA LYS A 20 -26.94 -17.92 21.95
C LYS A 20 -27.40 -16.47 22.13
N ASP A 21 -26.77 -15.72 23.03
CA ASP A 21 -27.09 -14.33 23.31
C ASP A 21 -25.86 -13.51 22.93
N ARG A 22 -25.94 -12.82 21.79
CA ARG A 22 -24.79 -12.08 21.26
C ARG A 22 -24.31 -10.98 22.20
N THR A 23 -25.13 -10.57 23.17
CA THR A 23 -24.74 -9.48 24.05
C THR A 23 -23.82 -9.92 25.19
N THR A 24 -23.82 -11.20 25.54
CA THR A 24 -22.92 -11.72 26.55
C THR A 24 -21.66 -12.37 25.96
N GLY A 25 -21.80 -13.13 24.88
CA GLY A 25 -20.68 -13.82 24.28
C GLY A 25 -20.39 -15.18 24.87
N ILE A 26 -21.32 -15.73 25.64
CA ILE A 26 -21.10 -16.98 26.36
C ILE A 26 -21.56 -18.14 25.50
N LEU A 27 -20.67 -19.10 25.27
CA LEU A 27 -21.04 -20.30 24.52
C LEU A 27 -21.68 -21.33 25.45
N SER A 28 -22.61 -22.10 24.90
CA SER A 28 -23.33 -23.10 25.67
C SER A 28 -23.65 -24.27 24.74
N PRO A 29 -23.94 -25.45 25.28
CA PRO A 29 -24.32 -26.59 24.43
C PRO A 29 -25.49 -26.25 23.53
N PHE A 30 -25.45 -26.77 22.30
CA PHE A 30 -26.35 -26.34 21.24
C PHE A 30 -26.62 -27.49 20.29
N LYS A 31 -27.90 -27.77 20.04
CA LYS A 31 -28.31 -28.80 19.09
C LYS A 31 -28.76 -28.15 17.78
N PHE A 32 -28.33 -28.72 16.66
CA PHE A 32 -28.66 -28.21 15.34
C PHE A 32 -28.54 -29.36 14.34
N SER A 33 -28.54 -29.03 13.05
CA SER A 33 -28.50 -30.05 12.01
C SER A 33 -27.72 -29.54 10.81
N ARG A 34 -27.30 -30.48 9.96
CA ARG A 34 -26.52 -30.19 8.76
C ARG A 34 -27.10 -30.92 7.56
N ARG A 35 -26.91 -30.32 6.39
CA ARG A 35 -27.41 -30.87 5.13
C ARG A 35 -26.86 -32.28 4.89
N ALA A 36 -27.58 -33.01 4.05
CA ALA A 36 -27.14 -34.34 3.63
C ALA A 36 -25.95 -34.23 2.66
N THR A 37 -25.18 -35.30 2.58
CA THR A 37 -23.97 -35.33 1.76
C THR A 37 -24.32 -35.24 0.28
N GLY A 38 -24.03 -34.09 -0.33
CA GLY A 38 -24.20 -33.92 -1.75
C GLY A 38 -23.20 -34.76 -2.54
N ASP A 39 -23.30 -34.65 -3.87
CA ASP A 39 -22.43 -35.45 -4.73
C ASP A 39 -20.98 -35.00 -4.63
N ASN A 40 -20.74 -33.73 -4.27
CA ASN A 40 -19.39 -33.20 -4.15
C ASN A 40 -19.02 -32.88 -2.71
N ASP A 41 -19.70 -33.49 -1.74
CA ASP A 41 -19.55 -33.13 -0.33
C ASP A 41 -18.78 -34.20 0.43
N ILE A 42 -18.06 -33.75 1.45
CA ILE A 42 -17.35 -34.62 2.38
C ILE A 42 -17.91 -34.37 3.77
N ARG A 43 -18.32 -35.44 4.45
CA ARG A 43 -18.68 -35.35 5.86
C ARG A 43 -17.44 -35.59 6.69
N ILE A 44 -17.23 -34.74 7.70
CA ILE A 44 -16.01 -34.73 8.48
C ILE A 44 -16.36 -34.90 9.96
N LYS A 45 -15.81 -35.93 10.59
CA LYS A 45 -15.84 -36.06 12.04
C LYS A 45 -14.75 -35.15 12.60
N ILE A 46 -15.15 -34.12 13.34
CA ILE A 46 -14.20 -33.10 13.78
C ILE A 46 -13.40 -33.61 14.97
N LEU A 47 -12.08 -33.53 14.86
CA LEU A 47 -11.16 -33.94 15.93
C LEU A 47 -10.69 -32.74 16.76
N TYR A 48 -10.12 -31.73 16.10
CA TYR A 48 -9.61 -30.54 16.76
C TYR A 48 -10.09 -29.31 16.02
N CYS A 49 -10.34 -28.25 16.79
CA CYS A 49 -10.68 -26.95 16.22
C CYS A 49 -9.85 -25.87 16.91
N GLY A 50 -8.98 -25.23 16.15
CA GLY A 50 -8.28 -24.06 16.65
C GLY A 50 -9.22 -22.90 16.93
N ILE A 51 -8.76 -22.00 17.80
CA ILE A 51 -9.46 -20.77 18.14
C ILE A 51 -8.59 -19.60 17.70
N CYS A 52 -9.15 -18.71 16.88
CA CYS A 52 -8.43 -17.57 16.34
C CYS A 52 -9.06 -16.27 16.81
N HIS A 53 -8.40 -15.16 16.46
CA HIS A 53 -8.88 -13.84 16.87
C HIS A 53 -10.25 -13.52 16.27
N THR A 54 -10.56 -14.08 15.09
CA THR A 54 -11.88 -13.87 14.52
C THR A 54 -12.98 -14.41 15.41
N ASP A 55 -12.76 -15.60 15.98
CA ASP A 55 -13.69 -16.14 16.97
C ASP A 55 -13.89 -15.17 18.13
N LEU A 56 -12.80 -14.61 18.66
CA LEU A 56 -12.91 -13.69 19.80
C LEU A 56 -13.70 -12.45 19.43
N THR A 57 -13.36 -11.82 18.30
CA THR A 57 -14.11 -10.66 17.84
C THR A 57 -15.59 -10.99 17.69
N SER A 58 -15.90 -12.11 17.01
CA SER A 58 -17.28 -12.59 16.92
C SER A 58 -17.90 -12.71 18.30
N VAL A 59 -17.21 -13.39 19.23
CA VAL A 59 -17.73 -13.61 20.57
C VAL A 59 -17.93 -12.29 21.30
N LYS A 60 -17.09 -11.29 21.03
CA LYS A 60 -17.20 -9.97 21.66
C LYS A 60 -18.26 -9.09 20.99
N ASN A 61 -19.04 -9.64 20.07
CA ASN A 61 -20.20 -8.95 19.48
C ASN A 61 -19.76 -7.72 18.68
N GLU A 62 -18.69 -7.89 17.90
CA GLU A 62 -18.15 -6.81 17.07
C GLU A 62 -18.32 -7.10 15.58
N TYR A 63 -19.06 -8.13 15.22
CA TYR A 63 -19.33 -8.43 13.81
C TYR A 63 -20.82 -8.23 13.55
N GLU A 64 -21.13 -7.14 12.85
CA GLU A 64 -22.50 -6.71 12.65
C GLU A 64 -23.35 -7.75 11.88
N PHE A 65 -22.78 -8.37 10.84
CA PHE A 65 -23.54 -9.18 9.92
C PHE A 65 -23.83 -10.60 10.41
N LEU A 66 -23.19 -11.05 11.50
CA LEU A 66 -23.28 -12.44 11.91
C LEU A 66 -24.65 -12.77 12.50
N SER A 67 -25.17 -13.94 12.13
CA SER A 67 -26.41 -14.47 12.69
C SER A 67 -26.13 -15.30 13.93
N TYR A 68 -27.04 -15.21 14.90
CA TYR A 68 -26.97 -15.97 16.12
C TYR A 68 -28.20 -16.86 16.26
N PRO A 69 -28.08 -18.09 16.79
CA PRO A 69 -26.92 -18.62 17.53
C PRO A 69 -25.70 -18.94 16.65
N LEU A 70 -24.55 -18.54 17.17
CA LEU A 70 -23.29 -18.56 16.45
C LEU A 70 -22.42 -19.71 16.96
N VAL A 71 -22.11 -20.65 16.07
CA VAL A 71 -21.12 -21.69 16.35
C VAL A 71 -19.81 -21.25 15.70
N PRO A 72 -18.84 -20.78 16.47
CA PRO A 72 -17.57 -20.30 15.90
C PRO A 72 -16.60 -21.44 15.65
N GLY A 73 -15.40 -21.07 15.23
CA GLY A 73 -14.34 -22.03 14.96
C GLY A 73 -14.17 -22.28 13.48
N MET A 74 -12.99 -21.96 12.94
CA MET A 74 -12.74 -22.08 11.51
C MET A 74 -11.38 -22.70 11.21
N GLU A 75 -10.76 -23.38 12.17
CA GLU A 75 -9.52 -24.12 11.93
C GLU A 75 -9.81 -25.57 12.33
N ILE A 76 -10.32 -26.35 11.38
CA ILE A 76 -10.89 -27.66 11.65
C ILE A 76 -9.98 -28.74 11.10
N VAL A 77 -9.69 -29.74 11.92
CA VAL A 77 -9.02 -30.97 11.51
C VAL A 77 -9.92 -32.13 11.88
N GLY A 78 -10.11 -33.06 10.94
CA GLY A 78 -11.02 -34.16 11.20
C GLY A 78 -10.78 -35.34 10.29
N ILE A 79 -11.74 -36.26 10.29
CA ILE A 79 -11.68 -37.50 9.51
C ILE A 79 -12.90 -37.54 8.60
N ALA A 80 -12.68 -37.90 7.34
CA ALA A 80 -13.77 -38.06 6.40
C ALA A 80 -14.56 -39.33 6.70
N THR A 81 -15.83 -39.17 7.04
CA THR A 81 -16.71 -40.30 7.30
C THR A 81 -17.52 -40.70 6.07
N GLU A 82 -17.86 -39.75 5.19
CA GLU A 82 -18.65 -40.04 4.00
C GLU A 82 -18.25 -39.06 2.91
N VAL A 83 -18.31 -39.54 1.66
CA VAL A 83 -17.92 -38.76 0.48
C VAL A 83 -19.01 -38.91 -0.57
N GLY A 84 -19.27 -37.84 -1.30
CA GLY A 84 -20.24 -37.89 -2.38
C GLY A 84 -19.80 -38.80 -3.51
N SER A 85 -20.79 -39.16 -4.35
CA SER A 85 -20.54 -40.04 -5.49
C SER A 85 -19.38 -39.55 -6.34
N LYS A 86 -19.30 -38.24 -6.58
CA LYS A 86 -18.31 -37.68 -7.50
C LYS A 86 -16.94 -37.43 -6.87
N VAL A 87 -16.81 -37.56 -5.56
CA VAL A 87 -15.55 -37.23 -4.88
C VAL A 87 -14.55 -38.37 -5.08
N THR A 88 -13.35 -38.01 -5.55
CA THR A 88 -12.27 -38.99 -5.72
C THR A 88 -10.96 -38.61 -5.05
N LYS A 89 -10.75 -37.33 -4.70
CA LYS A 89 -9.48 -36.94 -4.08
C LYS A 89 -9.32 -37.49 -2.67
N ILE A 90 -10.44 -37.76 -1.99
CA ILE A 90 -10.42 -38.19 -0.59
C ILE A 90 -11.25 -39.45 -0.44
N LYS A 91 -10.77 -40.37 0.39
CA LYS A 91 -11.51 -41.57 0.75
C LYS A 91 -11.94 -41.53 2.20
N VAL A 92 -13.07 -42.18 2.49
CA VAL A 92 -13.57 -42.28 3.85
C VAL A 92 -12.49 -42.85 4.75
N GLY A 93 -12.27 -42.21 5.91
CA GLY A 93 -11.30 -42.67 6.88
C GLY A 93 -9.99 -41.90 6.88
N GLU A 94 -9.77 -41.02 5.92
CA GLU A 94 -8.53 -40.26 5.84
C GLU A 94 -8.63 -38.98 6.66
N LYS A 95 -7.48 -38.51 7.12
CA LYS A 95 -7.40 -37.25 7.86
C LYS A 95 -7.54 -36.09 6.89
N VAL A 96 -8.40 -35.13 7.22
CA VAL A 96 -8.65 -33.98 6.37
C VAL A 96 -8.74 -32.71 7.22
N ALA A 97 -8.57 -31.57 6.55
CA ALA A 97 -8.73 -30.26 7.16
C ALA A 97 -9.61 -29.40 6.25
N VAL A 98 -10.21 -28.36 6.85
CA VAL A 98 -11.12 -27.46 6.15
C VAL A 98 -10.47 -26.09 6.03
N ALA A 99 -10.69 -25.44 4.89
CA ALA A 99 -10.23 -24.08 4.69
C ALA A 99 -11.01 -23.11 5.58
N ALA A 100 -10.48 -21.90 5.70
CA ALA A 100 -11.14 -20.88 6.53
C ALA A 100 -12.43 -20.37 5.92
N TYR A 101 -12.70 -20.70 4.65
CA TYR A 101 -13.93 -20.32 3.97
C TYR A 101 -14.56 -21.56 3.35
N LEU A 102 -15.87 -21.48 3.12
CA LEU A 102 -16.67 -22.65 2.75
C LEU A 102 -17.17 -22.63 1.32
N GLY A 103 -17.16 -21.50 0.63
CA GLY A 103 -17.61 -21.47 -0.75
C GLY A 103 -17.40 -20.13 -1.38
N THR A 104 -17.61 -20.10 -2.70
CA THR A 104 -17.41 -18.90 -3.52
C THR A 104 -18.44 -18.90 -4.64
N CYS A 105 -18.59 -17.73 -5.28
CA CYS A 105 -19.51 -17.62 -6.41
C CYS A 105 -19.22 -18.66 -7.49
N GLY A 106 -17.94 -18.90 -7.77
CA GLY A 106 -17.54 -19.89 -8.74
C GLY A 106 -17.52 -19.43 -10.18
N LYS A 107 -17.77 -18.14 -10.45
CA LYS A 107 -17.82 -17.64 -11.81
C LYS A 107 -16.98 -16.39 -12.06
N CYS A 108 -16.37 -15.80 -11.04
CA CYS A 108 -15.50 -14.66 -11.28
C CYS A 108 -14.10 -15.13 -11.69
N TYR A 109 -13.27 -14.15 -12.06
CA TYR A 109 -11.89 -14.43 -12.45
C TYR A 109 -11.14 -15.16 -11.33
N ASN A 110 -11.25 -14.65 -10.11
CA ASN A 110 -10.54 -15.24 -8.98
C ASN A 110 -10.89 -16.72 -8.83
N CYS A 111 -12.18 -17.05 -8.86
CA CYS A 111 -12.61 -18.43 -8.66
C CYS A 111 -12.04 -19.36 -9.73
N VAL A 112 -12.12 -18.94 -11.00
CA VAL A 112 -11.76 -19.85 -12.09
C VAL A 112 -10.25 -20.04 -12.22
N ASN A 113 -9.44 -19.11 -11.67
CA ASN A 113 -8.00 -19.20 -11.75
C ASN A 113 -7.36 -19.62 -10.42
N ASP A 114 -8.16 -20.22 -9.53
CA ASP A 114 -7.67 -20.77 -8.26
C ASP A 114 -7.07 -19.69 -7.37
N LEU A 115 -7.69 -18.52 -7.36
CA LEU A 115 -7.44 -17.45 -6.41
C LEU A 115 -8.73 -17.11 -5.67
N GLU A 116 -9.46 -18.15 -5.26
CA GLU A 116 -10.85 -18.01 -4.87
C GLU A 116 -11.02 -17.33 -3.52
N ASN A 117 -10.00 -17.31 -2.66
CA ASN A 117 -10.13 -16.65 -1.37
C ASN A 117 -10.38 -15.16 -1.51
N TYR A 118 -10.05 -14.58 -2.66
CA TYR A 118 -10.31 -13.17 -2.94
C TYR A 118 -11.61 -12.95 -3.70
N CYS A 119 -12.43 -13.98 -3.84
CA CYS A 119 -13.72 -13.83 -4.50
C CYS A 119 -14.56 -12.79 -3.76
N PRO A 120 -15.25 -11.89 -4.47
CA PRO A 120 -16.11 -10.92 -3.80
C PRO A 120 -17.23 -11.56 -2.98
N GLU A 121 -17.67 -12.76 -3.35
CA GLU A 121 -18.78 -13.43 -2.69
C GLU A 121 -18.33 -14.64 -1.91
N VAL A 122 -17.16 -14.53 -1.26
CA VAL A 122 -16.62 -15.65 -0.50
C VAL A 122 -17.46 -15.87 0.74
N ILE A 123 -17.80 -17.13 1.01
CA ILE A 123 -18.60 -17.50 2.17
C ILE A 123 -17.65 -17.89 3.29
N ILE A 124 -17.71 -17.15 4.41
CA ILE A 124 -16.79 -17.31 5.52
C ILE A 124 -17.17 -18.52 6.37
N GLY A 125 -16.25 -18.93 7.25
CA GLY A 125 -16.40 -20.18 7.98
C GLY A 125 -17.72 -20.35 8.70
N TYR A 126 -18.30 -19.26 9.16
CA TYR A 126 -19.55 -19.39 9.96
C TYR A 126 -20.27 -18.04 10.13
N GLY A 127 -21.55 -18.08 10.46
CA GLY A 127 -22.30 -16.85 10.76
C GLY A 127 -22.99 -16.26 9.55
N THR A 128 -22.79 -16.85 8.39
CA THR A 128 -23.35 -16.28 7.13
C THR A 128 -24.08 -17.38 6.37
N PRO A 129 -24.96 -17.03 5.43
CA PRO A 129 -25.72 -18.02 4.69
C PRO A 129 -24.91 -18.76 3.63
N TYR A 130 -25.18 -20.06 3.45
CA TYR A 130 -24.51 -20.85 2.40
C TYR A 130 -25.30 -20.69 1.10
N HIS A 131 -24.89 -21.39 0.05
CA HIS A 131 -25.61 -21.31 -1.25
C HIS A 131 -27.05 -21.82 -1.10
N ASP A 132 -27.40 -22.44 0.03
CA ASP A 132 -28.78 -22.87 0.19
C ASP A 132 -29.57 -21.97 1.14
N GLY A 133 -29.01 -20.82 1.52
CA GLY A 133 -29.69 -19.86 2.36
C GLY A 133 -29.52 -20.07 3.85
N THR A 134 -29.08 -21.24 4.28
CA THR A 134 -28.95 -21.55 5.69
C THR A 134 -27.63 -21.05 6.27
N ILE A 135 -27.70 -20.51 7.48
CA ILE A 135 -26.51 -20.07 8.20
C ILE A 135 -25.52 -21.22 8.37
N ASN A 136 -24.25 -20.93 8.15
CA ASN A 136 -23.19 -21.91 8.37
C ASN A 136 -22.81 -21.99 9.84
N TYR A 137 -22.67 -23.21 10.34
CA TYR A 137 -22.20 -23.46 11.70
C TYR A 137 -20.75 -23.92 11.65
N GLY A 138 -19.92 -23.34 12.51
CA GLY A 138 -18.48 -23.54 12.47
C GLY A 138 -18.01 -24.83 13.11
N GLY A 139 -16.76 -24.80 13.59
CA GLY A 139 -16.04 -25.99 13.99
C GLY A 139 -16.23 -26.49 15.40
N LEU A 140 -16.83 -25.70 16.29
CA LEU A 140 -17.09 -26.15 17.66
C LEU A 140 -18.35 -27.02 17.65
N SER A 141 -18.25 -28.15 16.97
CA SER A 141 -19.37 -29.05 16.75
C SER A 141 -18.80 -30.41 16.38
N ASN A 142 -19.66 -31.42 16.37
CA ASN A 142 -19.17 -32.79 16.29
C ASN A 142 -18.84 -33.20 14.85
N GLU A 143 -19.61 -32.70 13.88
CA GLU A 143 -19.37 -33.03 12.48
C GLU A 143 -19.67 -31.81 11.63
N THR A 144 -19.14 -31.81 10.41
CA THR A 144 -19.45 -30.78 9.44
C THR A 144 -19.48 -31.41 8.06
N VAL A 145 -20.04 -30.65 7.10
CA VAL A 145 -20.10 -31.04 5.70
C VAL A 145 -19.56 -29.88 4.88
N VAL A 146 -18.66 -30.18 3.94
CA VAL A 146 -17.94 -29.17 3.17
C VAL A 146 -17.76 -29.67 1.74
N ASN A 147 -17.93 -28.77 0.78
CA ASN A 147 -17.60 -29.08 -0.60
C ASN A 147 -16.15 -29.50 -0.73
N GLU A 148 -15.91 -30.52 -1.57
CA GLU A 148 -14.57 -31.09 -1.73
C GLU A 148 -13.52 -30.06 -2.09
N ARG A 149 -13.90 -29.00 -2.80
CA ARG A 149 -12.91 -27.98 -3.20
C ARG A 149 -12.25 -27.34 -1.98
N PHE A 150 -12.99 -27.20 -0.88
CA PHE A 150 -12.52 -26.51 0.31
C PHE A 150 -12.12 -27.47 1.44
N VAL A 151 -11.89 -28.74 1.10
CA VAL A 151 -11.38 -29.74 2.04
C VAL A 151 -9.96 -30.09 1.64
N LEU A 152 -9.05 -30.11 2.61
CA LEU A 152 -7.63 -30.39 2.37
C LEU A 152 -7.27 -31.78 2.88
N ARG A 153 -6.20 -32.32 2.30
CA ARG A 153 -5.62 -33.59 2.76
C ARG A 153 -4.60 -33.30 3.85
N PHE A 154 -4.81 -33.87 5.04
CA PHE A 154 -3.91 -33.61 6.16
C PHE A 154 -2.70 -34.53 6.10
N PRO A 155 -1.48 -33.98 6.03
CA PRO A 155 -0.28 -34.85 6.02
C PRO A 155 -0.24 -35.78 7.22
N GLU A 156 0.12 -37.05 6.95
CA GLU A 156 0.13 -38.05 8.01
C GLU A 156 1.15 -37.76 9.08
N LYS A 157 2.22 -37.02 8.76
CA LYS A 157 3.33 -36.79 9.67
C LYS A 157 3.22 -35.44 10.39
N LEU A 158 2.00 -34.96 10.62
CA LEU A 158 1.78 -33.66 11.22
C LEU A 158 0.77 -33.81 12.36
N SER A 159 1.11 -33.24 13.51
CA SER A 159 0.22 -33.25 14.67
C SER A 159 -1.15 -32.70 14.29
N PRO A 160 -2.23 -33.49 14.41
CA PRO A 160 -3.56 -32.93 14.14
C PRO A 160 -3.88 -31.74 15.02
N ALA A 161 -3.55 -31.81 16.32
CA ALA A 161 -3.79 -30.68 17.20
C ALA A 161 -2.88 -29.50 16.86
N GLY A 162 -1.57 -29.76 16.75
CA GLY A 162 -0.61 -28.70 16.47
C GLY A 162 -0.73 -28.13 15.07
N GLY A 163 -1.32 -28.88 14.13
CA GLY A 163 -1.52 -28.39 12.79
C GLY A 163 -2.78 -27.57 12.59
N ALA A 164 -3.78 -27.76 13.43
CA ALA A 164 -5.05 -27.04 13.31
C ALA A 164 -4.90 -25.53 13.16
N PRO A 165 -4.11 -24.81 13.98
CA PRO A 165 -4.03 -23.35 13.81
C PRO A 165 -3.40 -22.91 12.49
N LEU A 166 -2.82 -23.82 11.71
CA LEU A 166 -2.30 -23.45 10.40
C LEU A 166 -3.41 -23.05 9.44
N LEU A 167 -4.62 -23.58 9.63
CA LEU A 167 -5.66 -23.47 8.61
C LEU A 167 -6.21 -22.06 8.47
N SER A 168 -6.11 -21.20 9.50
CA SER A 168 -6.38 -19.78 9.32
C SER A 168 -5.17 -18.91 9.59
N ALA A 169 -4.53 -19.08 10.75
CA ALA A 169 -3.36 -18.25 11.09
C ALA A 169 -2.17 -18.57 10.18
N GLY A 170 -1.84 -19.84 10.04
CA GLY A 170 -0.75 -20.29 9.22
C GLY A 170 -0.83 -19.84 7.78
N ILE A 171 -1.94 -20.16 7.10
CA ILE A 171 -2.09 -19.85 5.69
C ILE A 171 -1.99 -18.35 5.45
N THR A 172 -2.56 -17.54 6.36
CA THR A 172 -2.50 -16.09 6.20
C THR A 172 -1.06 -15.58 6.18
N ALA A 173 -0.21 -16.12 7.07
CA ALA A 173 1.20 -15.74 7.07
C ALA A 173 1.93 -16.33 5.88
N TYR A 174 1.74 -17.64 5.65
CA TYR A 174 2.39 -18.31 4.53
C TYR A 174 2.12 -17.61 3.20
N SER A 175 0.84 -17.36 2.89
CA SER A 175 0.49 -16.78 1.60
C SER A 175 1.07 -15.38 1.42
N ALA A 176 0.98 -14.56 2.47
CA ALA A 176 1.49 -13.19 2.38
C ALA A 176 2.99 -13.18 2.11
N MET A 177 3.72 -14.16 2.66
CA MET A 177 5.16 -14.23 2.43
C MET A 177 5.47 -14.79 1.04
N ARG A 178 4.81 -15.88 0.65
CA ARG A 178 5.04 -16.46 -0.67
C ARG A 178 4.69 -15.49 -1.78
N ASN A 179 3.50 -14.87 -1.70
CA ASN A 179 3.01 -14.04 -2.80
C ASN A 179 3.82 -12.77 -2.99
N HIS A 180 4.51 -12.30 -1.96
CA HIS A 180 5.22 -11.03 -2.04
C HIS A 180 6.74 -11.19 -1.92
N GLY A 181 7.24 -12.40 -2.08
CA GLY A 181 8.68 -12.62 -2.09
C GLY A 181 9.37 -12.33 -0.78
N LEU A 182 8.79 -12.81 0.32
CA LEU A 182 9.42 -12.72 1.64
C LEU A 182 9.83 -14.10 2.11
N ASP A 183 10.29 -14.93 1.17
CA ASP A 183 10.63 -16.32 1.43
C ASP A 183 11.99 -16.72 0.89
N LYS A 184 12.77 -15.79 0.36
CA LYS A 184 14.06 -16.08 -0.25
C LYS A 184 15.16 -15.67 0.71
N PRO A 185 16.09 -16.56 1.06
CA PRO A 185 17.13 -16.20 2.03
C PRO A 185 17.85 -14.91 1.66
N GLY A 186 18.27 -14.17 2.69
CA GLY A 186 18.90 -12.89 2.53
C GLY A 186 18.12 -11.72 3.07
N ILE A 187 16.80 -11.86 3.20
CA ILE A 187 15.91 -10.74 3.52
C ILE A 187 15.89 -10.50 5.03
N HIS A 188 15.94 -9.22 5.42
CA HIS A 188 15.72 -8.83 6.80
C HIS A 188 14.24 -8.50 6.97
N LEU A 189 13.49 -9.42 7.58
CA LEU A 189 12.04 -9.32 7.71
C LEU A 189 11.66 -8.94 9.14
N GLY A 190 10.76 -7.97 9.28
CA GLY A 190 10.16 -7.64 10.55
C GLY A 190 8.79 -8.28 10.72
N VAL A 191 8.51 -8.74 11.93
CA VAL A 191 7.21 -9.27 12.31
C VAL A 191 6.70 -8.47 13.51
N VAL A 192 5.67 -7.66 13.31
CA VAL A 192 5.08 -6.86 14.38
C VAL A 192 3.96 -7.65 15.04
N GLY A 193 4.08 -7.86 16.34
CA GLY A 193 3.02 -8.49 17.11
C GLY A 193 3.23 -9.97 17.30
N LEU A 194 3.54 -10.39 18.53
CA LEU A 194 3.77 -11.81 18.82
C LEU A 194 2.49 -12.43 19.36
N GLY A 195 1.54 -12.68 18.46
CA GLY A 195 0.33 -13.39 18.81
C GLY A 195 0.24 -14.71 18.09
N GLY A 196 -0.97 -15.24 17.94
CA GLY A 196 -1.15 -16.47 17.16
C GLY A 196 -0.64 -16.33 15.75
N LEU A 197 -0.96 -15.21 15.09
CA LEU A 197 -0.50 -14.96 13.74
C LEU A 197 0.99 -14.66 13.71
N GLY A 198 1.45 -13.75 14.59
CA GLY A 198 2.85 -13.36 14.58
C GLY A 198 3.80 -14.51 14.83
N HIS A 199 3.50 -15.37 15.81
CA HIS A 199 4.42 -16.45 16.14
C HIS A 199 4.54 -17.44 14.98
N LEU A 200 3.49 -17.64 14.19
CA LEU A 200 3.59 -18.52 13.04
C LEU A 200 4.35 -17.89 11.88
N ALA A 201 4.29 -16.57 11.75
CA ALA A 201 5.10 -15.89 10.75
C ALA A 201 6.59 -16.08 11.01
N VAL A 202 6.98 -16.12 12.29
CA VAL A 202 8.38 -16.32 12.63
C VAL A 202 8.83 -17.72 12.27
N LYS A 203 7.99 -18.72 12.55
CA LYS A 203 8.37 -20.11 12.28
C LYS A 203 8.55 -20.37 10.79
N PHE A 204 7.66 -19.81 9.96
CA PHE A 204 7.78 -20.02 8.52
C PHE A 204 9.01 -19.32 7.95
N ALA A 205 9.29 -18.10 8.45
CA ALA A 205 10.47 -17.37 7.99
C ALA A 205 11.76 -18.13 8.30
N LYS A 206 11.87 -18.67 9.50
CA LYS A 206 13.05 -19.47 9.85
C LYS A 206 13.19 -20.66 8.91
N ALA A 207 12.09 -21.34 8.60
CA ALA A 207 12.12 -22.46 7.68
C ALA A 207 12.34 -22.00 6.24
N PHE A 208 12.12 -20.72 5.95
CA PHE A 208 12.47 -20.14 4.66
C PHE A 208 13.91 -19.64 4.62
N GLY A 209 14.59 -19.60 5.75
CA GLY A 209 15.95 -19.08 5.82
C GLY A 209 16.02 -17.57 5.74
N VAL A 210 15.17 -16.88 6.50
CA VAL A 210 15.06 -15.43 6.46
C VAL A 210 15.47 -14.85 7.81
N ARG A 211 16.18 -13.72 7.79
CA ARG A 211 16.58 -13.04 9.01
C ARG A 211 15.37 -12.28 9.57
N VAL A 212 15.05 -12.52 10.83
CA VAL A 212 13.78 -12.07 11.41
C VAL A 212 14.05 -11.27 12.69
N THR A 213 13.61 -10.02 12.71
CA THR A 213 13.51 -9.23 13.93
C THR A 213 12.05 -9.16 14.38
N VAL A 214 11.77 -9.63 15.60
CA VAL A 214 10.44 -9.53 16.18
C VAL A 214 10.24 -8.12 16.73
N ILE A 215 9.32 -7.38 16.12
CA ILE A 215 8.88 -6.08 16.61
C ILE A 215 7.72 -6.27 17.58
N SER A 216 7.85 -5.74 18.79
CA SER A 216 6.78 -5.90 19.76
C SER A 216 6.77 -4.73 20.74
N THR A 217 5.62 -4.54 21.40
CA THR A 217 5.59 -3.68 22.58
C THR A 217 5.98 -4.45 23.84
N THR A 218 5.23 -5.50 24.18
CA THR A 218 5.49 -6.23 25.44
C THR A 218 6.95 -6.66 25.54
N PRO A 219 7.74 -6.05 26.44
CA PRO A 219 9.16 -6.42 26.53
C PRO A 219 9.41 -7.77 27.17
N SER A 220 8.42 -8.35 27.85
CA SER A 220 8.59 -9.66 28.47
C SER A 220 8.46 -10.81 27.48
N LYS A 221 8.19 -10.50 26.22
CA LYS A 221 8.14 -11.50 25.16
C LYS A 221 9.50 -11.71 24.50
N LYS A 222 10.51 -10.91 24.88
CA LYS A 222 11.85 -11.05 24.33
C LYS A 222 12.36 -12.49 24.47
N ASP A 223 12.19 -13.07 25.65
CA ASP A 223 12.67 -14.43 25.88
C ASP A 223 11.97 -15.43 24.95
N GLU A 224 10.65 -15.31 24.81
CA GLU A 224 9.92 -16.19 23.89
C GLU A 224 10.33 -15.93 22.44
N ALA A 225 10.54 -14.66 22.08
CA ALA A 225 10.92 -14.32 20.71
C ALA A 225 12.24 -14.98 20.31
N ILE A 226 13.28 -14.81 21.14
CA ILE A 226 14.61 -15.28 20.76
C ILE A 226 14.79 -16.76 21.08
N ASN A 227 14.64 -17.12 22.36
CA ASN A 227 14.95 -18.47 22.80
C ASN A 227 13.99 -19.49 22.21
N ASN A 228 12.68 -19.25 22.37
CA ASN A 228 11.70 -20.24 21.97
C ASN A 228 11.43 -20.22 20.47
N LEU A 229 11.24 -19.02 19.89
CA LEU A 229 10.83 -18.91 18.51
C LEU A 229 12.01 -19.02 17.54
N GLY A 230 13.14 -18.43 17.90
CA GLY A 230 14.30 -18.40 17.03
C GLY A 230 14.49 -17.10 16.28
N ALA A 231 13.93 -16.00 16.76
CA ALA A 231 14.12 -14.70 16.14
C ALA A 231 15.57 -14.26 16.28
N ASP A 232 16.10 -13.67 15.20
CA ASP A 232 17.48 -13.18 15.21
C ASP A 232 17.64 -11.91 16.05
N ALA A 233 16.57 -11.16 16.27
CA ALA A 233 16.65 -9.93 17.04
C ALA A 233 15.26 -9.56 17.55
N PHE A 234 15.21 -8.53 18.40
CA PHE A 234 13.99 -8.11 19.07
C PHE A 234 13.96 -6.60 19.20
N LEU A 235 12.85 -5.98 18.81
CA LEU A 235 12.70 -4.52 18.88
C LEU A 235 11.52 -4.19 19.80
N PHE A 236 11.80 -3.48 20.89
CA PHE A 236 10.78 -2.98 21.81
C PHE A 236 10.22 -1.66 21.30
N SER A 237 8.92 -1.60 21.05
CA SER A 237 8.45 -0.37 20.41
C SER A 237 8.20 0.78 21.37
N ARG A 238 9.16 1.07 22.24
CA ARG A 238 9.24 2.34 22.95
C ARG A 238 10.62 2.99 22.94
N ASP A 239 11.68 2.23 22.65
CA ASP A 239 13.07 2.69 22.77
C ASP A 239 13.53 3.40 21.51
N ASP A 240 13.34 4.73 21.48
CA ASP A 240 13.74 5.52 20.31
C ASP A 240 15.23 5.39 19.99
N LYS A 241 16.04 4.81 20.88
CA LYS A 241 17.41 4.50 20.53
C LYS A 241 17.46 3.31 19.59
N GLN A 242 16.78 2.21 19.94
CA GLN A 242 16.65 1.08 19.04
C GLN A 242 16.01 1.51 17.70
N MET A 243 14.96 2.33 17.76
CA MET A 243 14.27 2.73 16.55
C MET A 243 15.15 3.53 15.61
N ARG A 244 15.80 4.57 16.12
CA ARG A 244 16.64 5.39 15.27
C ARG A 244 17.85 4.62 14.74
N ALA A 245 18.23 3.53 15.40
CA ALA A 245 19.34 2.72 14.91
C ALA A 245 18.91 1.79 13.79
N ALA A 246 17.67 1.30 13.83
CA ALA A 246 17.18 0.37 12.82
C ALA A 246 16.56 1.07 11.61
N ILE A 247 16.52 2.40 11.59
CA ILE A 247 15.94 3.15 10.48
C ILE A 247 16.58 2.72 9.16
N GLY A 248 15.75 2.27 8.22
CA GLY A 248 16.24 1.95 6.89
C GLY A 248 16.82 0.56 6.73
N THR A 249 16.58 -0.34 7.69
CA THR A 249 17.27 -1.63 7.73
C THR A 249 16.42 -2.80 7.29
N PHE A 250 15.12 -2.61 7.10
CA PHE A 250 14.20 -3.72 6.83
C PHE A 250 13.78 -3.70 5.36
N ASP A 251 13.88 -4.87 4.71
CA ASP A 251 13.36 -5.01 3.36
C ASP A 251 11.84 -5.11 3.34
N ALA A 252 11.24 -5.65 4.40
CA ALA A 252 9.79 -5.82 4.46
C ALA A 252 9.39 -6.09 5.90
N ILE A 253 8.11 -5.82 6.19
CA ILE A 253 7.56 -5.98 7.53
C ILE A 253 6.14 -6.55 7.43
N ILE A 254 5.85 -7.59 8.19
CA ILE A 254 4.52 -8.17 8.29
C ILE A 254 3.86 -7.69 9.59
N ASP A 255 2.76 -6.96 9.46
CA ASP A 255 2.04 -6.39 10.58
C ASP A 255 0.86 -7.29 10.93
N THR A 256 0.91 -7.91 12.10
CA THR A 256 -0.11 -8.85 12.55
C THR A 256 -1.06 -8.25 13.58
N LEU A 257 -0.95 -6.95 13.88
CA LEU A 257 -1.70 -6.35 14.97
C LEU A 257 -3.17 -6.18 14.60
N ALA A 258 -4.06 -6.59 15.51
CA ALA A 258 -5.49 -6.37 15.37
C ALA A 258 -5.95 -5.02 15.90
N VAL A 259 -5.08 -4.29 16.60
CA VAL A 259 -5.44 -3.04 17.24
C VAL A 259 -4.88 -1.87 16.42
N VAL A 260 -5.52 -0.71 16.56
CA VAL A 260 -4.99 0.51 15.98
C VAL A 260 -3.61 0.79 16.56
N HIS A 261 -2.75 1.41 15.76
CA HIS A 261 -1.35 1.62 16.11
C HIS A 261 -0.72 2.53 15.05
N PRO A 262 0.35 3.24 15.40
CA PRO A 262 0.97 4.15 14.42
C PRO A 262 1.68 3.38 13.32
N ILE A 263 1.71 3.99 12.13
CA ILE A 263 2.30 3.40 10.95
C ILE A 263 3.60 4.09 10.56
N ALA A 264 3.66 5.41 10.73
CA ALA A 264 4.88 6.18 10.44
C ALA A 264 6.16 5.54 10.96
N PRO A 265 6.26 5.11 12.24
CA PRO A 265 7.51 4.46 12.67
C PRO A 265 7.86 3.22 11.86
N LEU A 266 6.86 2.42 11.49
CA LEU A 266 7.13 1.19 10.75
C LEU A 266 7.65 1.46 9.34
N LEU A 267 7.20 2.56 8.71
CA LEU A 267 7.68 2.87 7.37
C LEU A 267 9.12 3.37 7.39
N ASP A 268 9.47 4.16 8.41
CA ASP A 268 10.86 4.60 8.57
C ASP A 268 11.81 3.42 8.70
N LEU A 269 11.33 2.32 9.29
CA LEU A 269 12.14 1.12 9.45
C LEU A 269 12.49 0.46 8.12
N LEU A 270 11.74 0.76 7.06
CA LEU A 270 11.93 0.14 5.76
C LEU A 270 12.98 0.88 4.94
N ARG A 271 13.72 0.12 4.14
CA ARG A 271 14.56 0.72 3.11
C ARG A 271 13.69 1.18 1.95
N SER A 272 14.28 1.99 1.07
CA SER A 272 13.59 2.43 -0.14
C SER A 272 12.94 1.24 -0.85
N HIS A 273 11.68 1.45 -1.27
CA HIS A 273 10.89 0.46 -2.00
C HIS A 273 10.50 -0.74 -1.13
N GLY A 274 10.60 -0.61 0.20
CA GLY A 274 10.20 -1.69 1.08
C GLY A 274 8.69 -1.80 1.22
N LYS A 275 8.23 -2.98 1.62
CA LYS A 275 6.81 -3.29 1.68
C LYS A 275 6.39 -3.55 3.12
N LEU A 276 5.28 -2.93 3.53
CA LEU A 276 4.62 -3.21 4.80
C LEU A 276 3.34 -3.98 4.51
N VAL A 277 3.32 -5.26 4.88
CA VAL A 277 2.20 -6.14 4.58
C VAL A 277 1.29 -6.21 5.79
N LEU A 278 0.05 -5.78 5.62
CA LEU A 278 -0.97 -5.83 6.67
C LEU A 278 -1.79 -7.12 6.52
N VAL A 279 -1.79 -7.95 7.55
CA VAL A 279 -2.60 -9.17 7.56
C VAL A 279 -3.55 -9.24 8.74
N GLY A 280 -3.44 -8.34 9.72
CA GLY A 280 -4.40 -8.24 10.79
C GLY A 280 -5.50 -7.24 10.47
N ALA A 281 -6.69 -7.49 11.00
CA ALA A 281 -7.82 -6.63 10.68
C ALA A 281 -8.05 -5.63 11.81
N PRO A 282 -7.46 -4.44 11.71
CA PRO A 282 -7.67 -3.42 12.75
C PRO A 282 -9.15 -3.05 12.90
N SER A 283 -9.55 -2.82 14.16
CA SER A 283 -10.94 -2.44 14.42
C SER A 283 -11.29 -1.13 13.74
N LYS A 284 -10.53 -0.07 14.03
CA LYS A 284 -10.72 1.25 13.45
C LYS A 284 -9.76 1.45 12.28
N PRO A 285 -9.92 2.52 11.51
CA PRO A 285 -8.97 2.77 10.42
C PRO A 285 -7.73 3.51 10.91
N LEU A 286 -6.61 3.18 10.27
CA LEU A 286 -5.31 3.77 10.67
C LEU A 286 -5.06 5.02 9.83
N GLU A 287 -3.97 5.72 10.10
CA GLU A 287 -3.68 6.98 9.38
C GLU A 287 -2.40 6.78 8.57
N LEU A 288 -2.48 6.98 7.26
CA LEU A 288 -1.29 6.72 6.40
C LEU A 288 -0.46 8.00 6.31
N PRO A 289 0.84 7.97 6.67
CA PRO A 289 1.70 9.13 6.53
C PRO A 289 2.19 9.18 5.09
N THR A 290 1.67 10.11 4.30
CA THR A 290 2.02 10.16 2.86
C THR A 290 3.49 10.52 2.70
N ILE A 291 3.99 11.47 3.49
CA ILE A 291 5.37 11.95 3.28
C ILE A 291 6.38 10.80 3.31
N PRO A 292 6.38 9.90 4.31
CA PRO A 292 7.31 8.75 4.22
C PRO A 292 7.04 7.85 3.04
N LEU A 293 5.78 7.47 2.83
CA LEU A 293 5.42 6.59 1.71
C LEU A 293 5.95 7.11 0.38
N LEU A 294 5.71 8.38 0.08
CA LEU A 294 6.12 8.95 -1.20
C LEU A 294 7.64 8.98 -1.34
N SER A 295 8.32 9.67 -0.41
CA SER A 295 9.75 9.88 -0.52
C SER A 295 10.52 8.57 -0.57
N GLY A 296 10.09 7.58 0.23
CA GLY A 296 10.74 6.28 0.20
C GLY A 296 10.31 5.36 -0.93
N GLY A 297 9.21 5.68 -1.60
CA GLY A 297 8.67 4.78 -2.60
C GLY A 297 8.23 3.45 -2.04
N LYS A 298 7.53 3.48 -0.90
CA LYS A 298 7.18 2.28 -0.15
C LYS A 298 5.75 1.83 -0.46
N SER A 299 5.40 0.66 0.05
CA SER A 299 4.12 0.03 -0.29
C SER A 299 3.40 -0.46 0.95
N LEU A 300 2.09 -0.21 1.00
CA LEU A 300 1.19 -0.80 1.98
C LEU A 300 0.39 -1.87 1.26
N ILE A 301 0.43 -3.10 1.77
CA ILE A 301 -0.14 -4.25 1.07
C ILE A 301 -1.00 -5.04 2.05
N GLY A 302 -2.24 -5.30 1.66
CA GLY A 302 -3.13 -6.15 2.43
C GLY A 302 -3.16 -7.56 1.87
N SER A 303 -3.34 -8.54 2.76
CA SER A 303 -3.44 -9.93 2.37
C SER A 303 -4.39 -10.65 3.32
N ALA A 304 -5.23 -11.52 2.76
CA ALA A 304 -6.20 -12.27 3.55
C ALA A 304 -6.13 -13.74 3.17
N ALA A 305 -5.85 -14.59 4.16
CA ALA A 305 -5.81 -16.04 3.98
C ALA A 305 -5.03 -16.45 2.74
N GLY A 306 -5.54 -17.45 2.03
CA GLY A 306 -4.92 -17.95 0.82
C GLY A 306 -5.85 -18.92 0.14
N ASN A 307 -5.50 -19.28 -1.10
CA ASN A 307 -6.35 -20.19 -1.84
C ASN A 307 -6.11 -21.63 -1.40
N VAL A 308 -7.06 -22.51 -1.74
CA VAL A 308 -7.00 -23.89 -1.27
C VAL A 308 -5.77 -24.60 -1.82
N LYS A 309 -5.30 -24.22 -3.01
CA LYS A 309 -4.07 -24.81 -3.53
C LYS A 309 -2.86 -24.39 -2.70
N GLN A 310 -2.81 -23.13 -2.29
CA GLN A 310 -1.75 -22.68 -1.39
C GLN A 310 -1.87 -23.37 -0.03
N THR A 311 -3.10 -23.51 0.47
CA THR A 311 -3.31 -24.13 1.78
C THR A 311 -2.82 -25.57 1.79
N GLN A 312 -3.07 -26.32 0.72
CA GLN A 312 -2.57 -27.70 0.66
C GLN A 312 -1.05 -27.75 0.54
N GLU A 313 -0.48 -26.83 -0.24
CA GLU A 313 0.97 -26.79 -0.39
C GLU A 313 1.64 -26.37 0.91
N MET A 314 1.05 -25.41 1.64
CA MET A 314 1.56 -25.03 2.95
C MET A 314 1.49 -26.19 3.93
N LEU A 315 0.39 -26.95 3.91
CA LEU A 315 0.25 -28.08 4.82
C LEU A 315 1.33 -29.13 4.56
N ASP A 316 1.65 -29.37 3.29
CA ASP A 316 2.71 -30.31 2.95
C ASP A 316 4.07 -29.77 3.35
N PHE A 317 4.25 -28.45 3.27
CA PHE A 317 5.52 -27.84 3.65
C PHE A 317 5.75 -27.85 5.15
N ALA A 318 4.68 -27.92 5.94
CA ALA A 318 4.83 -27.95 7.38
C ALA A 318 5.17 -29.34 7.90
N ALA A 319 4.69 -30.38 7.22
CA ALA A 319 5.09 -31.74 7.57
C ALA A 319 6.59 -31.95 7.36
N GLU A 320 7.09 -31.54 6.19
CA GLU A 320 8.51 -31.75 5.87
C GLU A 320 9.41 -31.03 6.87
N HIS A 321 9.08 -29.78 7.19
CA HIS A 321 9.92 -28.95 8.05
C HIS A 321 9.49 -28.95 9.52
N ASP A 322 8.55 -29.82 9.90
CA ASP A 322 8.03 -29.91 11.26
C ASP A 322 7.68 -28.52 11.78
N ILE A 323 6.73 -27.88 11.10
CA ILE A 323 6.17 -26.62 11.57
C ILE A 323 4.83 -26.92 12.21
N THR A 324 4.72 -26.62 13.50
CA THR A 324 3.46 -26.70 14.23
C THR A 324 3.32 -25.45 15.09
N ALA A 325 2.11 -25.21 15.56
CA ALA A 325 1.88 -24.07 16.45
C ALA A 325 2.13 -24.48 17.90
N ASN A 326 2.45 -23.48 18.73
CA ASN A 326 2.54 -23.69 20.16
C ASN A 326 1.14 -23.59 20.74
N ILE A 327 0.59 -24.72 21.18
CA ILE A 327 -0.83 -24.80 21.47
C ILE A 327 -1.06 -25.28 22.89
N GLU A 328 -2.22 -24.92 23.42
CA GLU A 328 -2.79 -25.50 24.63
C GLU A 328 -4.09 -26.19 24.25
N VAL A 329 -4.13 -27.51 24.37
CA VAL A 329 -5.33 -28.29 24.06
C VAL A 329 -6.30 -28.17 25.24
N ILE A 330 -7.54 -27.82 24.94
CA ILE A 330 -8.52 -27.52 25.99
C ILE A 330 -9.80 -28.32 25.77
N PRO A 331 -10.55 -28.61 26.82
CA PRO A 331 -11.91 -29.14 26.64
C PRO A 331 -12.86 -28.03 26.21
N ILE A 332 -13.94 -28.44 25.53
CA ILE A 332 -14.85 -27.45 24.95
C ILE A 332 -15.52 -26.62 26.04
N ASP A 333 -15.73 -27.18 27.22
CA ASP A 333 -16.42 -26.40 28.25
C ASP A 333 -15.49 -25.41 28.95
N TYR A 334 -14.21 -25.39 28.57
CA TYR A 334 -13.26 -24.35 28.96
C TYR A 334 -13.28 -23.15 28.00
N ILE A 335 -14.09 -23.20 26.95
CA ILE A 335 -14.01 -22.21 25.87
C ILE A 335 -14.22 -20.79 26.40
N ASN A 336 -15.17 -20.62 27.32
CA ASN A 336 -15.48 -19.28 27.80
C ASN A 336 -14.32 -18.70 28.61
N THR A 337 -13.65 -19.54 29.42
CA THR A 337 -12.47 -19.08 30.13
C THR A 337 -11.33 -18.81 29.16
N ALA A 338 -11.19 -19.65 28.12
CA ALA A 338 -10.14 -19.43 27.12
C ALA A 338 -10.34 -18.10 26.40
N MET A 339 -11.59 -17.76 26.05
CA MET A 339 -11.85 -16.47 25.41
C MET A 339 -11.37 -15.31 26.28
N GLU A 340 -11.65 -15.37 27.59
CA GLU A 340 -11.16 -14.34 28.50
C GLU A 340 -9.65 -14.24 28.45
N ARG A 341 -8.96 -15.38 28.49
CA ARG A 341 -7.50 -15.38 28.45
C ARG A 341 -6.99 -14.83 27.13
N LEU A 342 -7.67 -15.14 26.02
CA LEU A 342 -7.26 -14.61 24.72
C LEU A 342 -7.46 -13.12 24.65
N ASP A 343 -8.48 -12.58 25.33
CA ASP A 343 -8.73 -11.15 25.33
C ASP A 343 -7.61 -10.37 26.00
N LYS A 344 -6.91 -10.98 26.96
CA LYS A 344 -5.80 -10.35 27.65
C LYS A 344 -4.44 -10.75 27.08
N GLY A 345 -4.43 -11.49 25.97
CA GLY A 345 -3.18 -12.02 25.44
C GLY A 345 -2.50 -13.00 26.38
N ASP A 346 -3.28 -13.68 27.23
CA ASP A 346 -2.74 -14.65 28.18
C ASP A 346 -2.69 -16.05 27.55
N ILE A 347 -1.94 -16.15 26.45
CA ILE A 347 -1.76 -17.44 25.78
C ILE A 347 -0.47 -17.38 24.96
N ARG A 348 0.25 -18.50 24.94
CA ARG A 348 1.44 -18.68 24.12
C ARG A 348 1.32 -20.05 23.45
N PHE A 349 0.74 -20.11 22.25
CA PHE A 349 0.19 -18.96 21.53
C PHE A 349 -1.19 -19.25 20.93
N ARG A 350 -1.74 -20.44 21.15
CA ARG A 350 -2.93 -20.84 20.40
C ARG A 350 -3.72 -21.90 21.16
N PHE A 351 -4.98 -21.61 21.47
CA PHE A 351 -5.90 -22.61 21.98
C PHE A 351 -6.38 -23.53 20.86
N VAL A 352 -6.49 -24.82 21.17
CA VAL A 352 -7.03 -25.81 20.25
C VAL A 352 -7.98 -26.72 21.02
N VAL A 353 -9.25 -26.74 20.62
CA VAL A 353 -10.27 -27.51 21.34
C VAL A 353 -10.23 -28.96 20.89
N ASP A 354 -10.22 -29.90 21.85
CA ASP A 354 -10.34 -31.33 21.57
C ASP A 354 -11.83 -31.66 21.47
N ILE A 355 -12.32 -31.75 20.24
CA ILE A 355 -13.75 -31.97 20.01
C ILE A 355 -14.13 -33.42 20.28
N GLU A 356 -13.34 -34.36 19.74
CA GLU A 356 -13.70 -35.78 19.82
C GLU A 356 -13.94 -36.24 21.25
N ASN A 357 -13.07 -35.85 22.18
CA ASN A 357 -13.07 -36.44 23.52
C ASN A 357 -13.78 -35.62 24.58
N THR A 358 -14.12 -34.35 24.31
CA THR A 358 -14.69 -33.50 25.34
C THR A 358 -16.07 -32.94 25.01
N LEU A 359 -16.59 -33.16 23.81
CA LEU A 359 -17.93 -32.73 23.44
C LEU A 359 -18.90 -33.88 23.65
N THR A 360 -19.95 -33.65 24.46
CA THR A 360 -20.85 -34.77 24.74
C THR A 360 -22.19 -34.58 24.03
N PRO A 361 -22.78 -35.66 23.53
CA PRO A 361 -23.93 -35.53 22.60
C PRO A 361 -25.15 -34.90 23.25
N PRO A 362 -25.64 -35.47 24.36
CA PRO A 362 -26.89 -35.15 25.07
C PRO A 362 -27.25 -36.16 26.15
N SER B 5 23.57 40.31 3.01
CA SER B 5 24.15 38.98 3.25
C SER B 5 23.76 37.98 2.13
N PRO B 6 22.46 37.86 1.80
CA PRO B 6 22.13 37.02 0.63
C PRO B 6 22.86 37.48 -0.62
N GLU B 7 23.05 38.78 -0.77
CA GLU B 7 23.75 39.36 -1.91
C GLU B 7 25.24 39.10 -1.86
N GLU B 8 25.78 38.79 -0.67
CA GLU B 8 27.20 38.58 -0.45
C GLU B 8 27.58 37.10 -0.35
N GLU B 9 26.63 36.21 -0.11
CA GLU B 9 26.94 34.82 0.23
C GLU B 9 27.80 34.14 -0.83
N HIS B 10 27.65 34.51 -2.08
CA HIS B 10 28.38 33.90 -3.19
C HIS B 10 28.89 35.00 -4.11
N PRO B 11 29.86 34.70 -4.98
CA PRO B 11 30.46 35.76 -5.78
C PRO B 11 29.55 36.34 -6.86
N VAL B 12 28.65 35.55 -7.44
CA VAL B 12 27.91 35.97 -8.63
C VAL B 12 26.51 36.41 -8.22
N LYS B 13 26.11 37.60 -8.68
CA LYS B 13 24.85 38.21 -8.32
C LYS B 13 23.68 37.56 -9.08
N ALA B 14 22.50 37.60 -8.46
CA ALA B 14 21.29 37.03 -9.05
C ALA B 14 20.08 37.68 -8.39
N TYR B 15 18.94 37.53 -9.03
CA TYR B 15 17.72 38.17 -8.56
C TYR B 15 16.51 37.36 -8.99
N GLY B 16 15.42 37.52 -8.23
CA GLY B 16 14.18 36.83 -8.52
C GLY B 16 13.05 37.32 -7.65
N TRP B 17 12.08 36.44 -7.36
CA TRP B 17 11.02 36.75 -6.42
C TRP B 17 11.04 35.71 -5.32
N ALA B 18 10.61 36.11 -4.12
CA ALA B 18 10.79 35.26 -2.95
C ALA B 18 9.75 35.60 -1.90
N VAL B 19 9.38 34.58 -1.13
CA VAL B 19 8.56 34.77 0.07
C VAL B 19 9.50 35.22 1.19
N LYS B 20 9.37 36.47 1.61
CA LYS B 20 10.21 37.00 2.67
C LYS B 20 9.61 36.76 4.05
N ASP B 21 8.28 36.78 4.16
CA ASP B 21 7.57 36.57 5.41
C ASP B 21 6.74 35.29 5.26
N ARG B 22 7.21 34.20 5.87
CA ARG B 22 6.56 32.91 5.72
C ARG B 22 5.13 32.90 6.25
N THR B 23 4.75 33.91 7.05
CA THR B 23 3.42 33.93 7.64
C THR B 23 2.34 34.45 6.69
N THR B 24 2.72 35.22 5.67
CA THR B 24 1.76 35.69 4.66
C THR B 24 1.81 34.86 3.39
N GLY B 25 3.00 34.49 2.92
CA GLY B 25 3.14 33.75 1.69
C GLY B 25 3.26 34.60 0.45
N ILE B 26 3.50 35.90 0.60
CA ILE B 26 3.53 36.84 -0.50
C ILE B 26 4.94 36.91 -1.06
N LEU B 27 5.08 36.69 -2.36
CA LEU B 27 6.37 36.83 -3.02
C LEU B 27 6.62 38.28 -3.40
N SER B 28 7.89 38.68 -3.39
CA SER B 28 8.29 40.04 -3.71
C SER B 28 9.66 40.00 -4.34
N PRO B 29 10.06 41.05 -5.07
CA PRO B 29 11.41 41.10 -5.64
C PRO B 29 12.48 40.87 -4.58
N PHE B 30 13.56 40.19 -4.97
CA PHE B 30 14.53 39.67 -4.02
C PHE B 30 15.88 39.56 -4.70
N LYS B 31 16.90 40.18 -4.10
CA LYS B 31 18.27 40.10 -4.59
C LYS B 31 19.06 39.08 -3.78
N PHE B 32 19.82 38.23 -4.47
CA PHE B 32 20.63 37.20 -3.82
C PHE B 32 21.84 36.92 -4.71
N SER B 33 22.53 35.80 -4.44
CA SER B 33 23.71 35.46 -5.20
C SER B 33 23.82 33.95 -5.31
N ARG B 34 24.62 33.49 -6.29
CA ARG B 34 24.79 32.07 -6.55
C ARG B 34 26.28 31.75 -6.71
N ARG B 35 26.63 30.51 -6.35
CA ARG B 35 28.01 30.05 -6.40
C ARG B 35 28.59 30.18 -7.80
N ALA B 36 29.92 30.28 -7.86
CA ALA B 36 30.62 30.31 -9.13
C ALA B 36 30.57 28.93 -9.79
N THR B 37 30.72 28.93 -11.12
CA THR B 37 30.63 27.69 -11.89
C THR B 37 31.76 26.75 -11.51
N GLY B 38 31.42 25.63 -10.87
CA GLY B 38 32.39 24.61 -10.54
C GLY B 38 32.85 23.85 -11.77
N ASP B 39 33.72 22.87 -11.51
CA ASP B 39 34.28 22.08 -12.61
C ASP B 39 33.23 21.22 -13.29
N ASN B 40 32.20 20.79 -12.54
CA ASN B 40 31.14 19.95 -13.07
C ASN B 40 29.78 20.67 -13.10
N ASP B 41 29.78 22.00 -13.16
CA ASP B 41 28.56 22.77 -13.03
C ASP B 41 28.17 23.41 -14.36
N ILE B 42 26.86 23.60 -14.53
CA ILE B 42 26.31 24.31 -15.69
C ILE B 42 25.53 25.52 -15.18
N ARG B 43 25.81 26.68 -15.77
CA ARG B 43 25.01 27.87 -15.51
C ARG B 43 23.88 27.95 -16.53
N ILE B 44 22.67 28.19 -16.04
CA ILE B 44 21.47 28.15 -16.87
C ILE B 44 20.79 29.51 -16.79
N LYS B 45 20.60 30.14 -17.94
CA LYS B 45 19.74 31.31 -18.05
C LYS B 45 18.30 30.84 -18.13
N ILE B 46 17.51 31.15 -17.11
CA ILE B 46 16.17 30.60 -16.97
C ILE B 46 15.22 31.31 -17.92
N LEU B 47 14.48 30.54 -18.72
CA LEU B 47 13.47 31.06 -19.64
C LEU B 47 12.07 30.94 -19.07
N TYR B 48 11.66 29.74 -18.66
CA TYR B 48 10.35 29.48 -18.11
C TYR B 48 10.47 28.65 -16.85
N CYS B 49 9.57 28.90 -15.90
CA CYS B 49 9.48 28.10 -14.68
C CYS B 49 8.02 27.75 -14.42
N GLY B 50 7.70 26.46 -14.49
CA GLY B 50 6.39 25.99 -14.08
C GLY B 50 6.13 26.21 -12.61
N ILE B 51 4.84 26.28 -12.27
CA ILE B 51 4.37 26.39 -10.90
C ILE B 51 3.57 25.13 -10.57
N CYS B 52 3.95 24.44 -9.49
CA CYS B 52 3.27 23.21 -9.08
C CYS B 52 2.64 23.41 -7.70
N HIS B 53 1.89 22.39 -7.27
CA HIS B 53 1.25 22.47 -5.96
C HIS B 53 2.27 22.49 -4.83
N THR B 54 3.46 21.94 -5.06
CA THR B 54 4.52 22.01 -4.05
C THR B 54 4.88 23.46 -3.74
N ASP B 55 5.02 24.27 -4.78
CA ASP B 55 5.24 25.71 -4.59
C ASP B 55 4.14 26.32 -3.74
N LEU B 56 2.88 25.97 -4.04
CA LEU B 56 1.76 26.53 -3.31
C LEU B 56 1.79 26.10 -1.84
N THR B 57 1.98 24.81 -1.60
CA THR B 57 2.14 24.33 -0.23
C THR B 57 3.27 25.06 0.50
N SER B 58 4.43 25.18 -0.15
CA SER B 58 5.53 25.97 0.41
C SER B 58 5.11 27.38 0.79
N VAL B 59 4.49 28.12 -0.15
CA VAL B 59 4.10 29.50 0.16
C VAL B 59 2.99 29.52 1.20
N LYS B 60 2.21 28.44 1.31
CA LYS B 60 1.17 28.36 2.33
C LYS B 60 1.71 27.97 3.70
N ASN B 61 3.03 27.90 3.86
CA ASN B 61 3.68 27.74 5.16
C ASN B 61 3.36 26.39 5.80
N GLU B 62 3.38 25.32 5.00
CA GLU B 62 3.06 24.00 5.51
C GLU B 62 4.26 23.05 5.51
N TYR B 63 5.45 23.55 5.22
CA TYR B 63 6.68 22.77 5.33
C TYR B 63 7.58 23.47 6.35
N GLU B 64 7.64 22.92 7.57
CA GLU B 64 8.37 23.58 8.65
C GLU B 64 9.85 23.70 8.35
N PHE B 65 10.41 22.73 7.63
CA PHE B 65 11.86 22.64 7.46
C PHE B 65 12.42 23.64 6.44
N LEU B 66 11.56 24.33 5.70
CA LEU B 66 12.03 25.23 4.65
C LEU B 66 12.61 26.51 5.27
N SER B 67 13.72 26.97 4.71
CA SER B 67 14.32 28.24 5.11
C SER B 67 13.77 29.39 4.28
N TYR B 68 13.59 30.54 4.93
CA TYR B 68 13.11 31.77 4.30
C TYR B 68 14.15 32.87 4.42
N PRO B 69 14.31 33.73 3.40
CA PRO B 69 13.44 33.91 2.21
C PRO B 69 13.49 32.76 1.20
N LEU B 70 12.31 32.38 0.73
CA LEU B 70 12.12 31.20 -0.10
C LEU B 70 11.88 31.62 -1.54
N VAL B 71 12.78 31.22 -2.44
CA VAL B 71 12.56 31.35 -3.88
C VAL B 71 12.03 30.00 -4.39
N PRO B 72 10.75 29.90 -4.72
CA PRO B 72 10.17 28.62 -5.16
C PRO B 72 10.41 28.38 -6.64
N GLY B 73 9.83 27.29 -7.14
CA GLY B 73 9.91 26.92 -8.53
C GLY B 73 10.92 25.82 -8.83
N MET B 74 10.44 24.69 -9.35
CA MET B 74 11.31 23.55 -9.59
C MET B 74 11.07 22.90 -10.95
N GLU B 75 10.43 23.60 -11.88
CA GLU B 75 10.25 23.11 -13.25
C GLU B 75 10.89 24.16 -14.16
N ILE B 76 12.19 24.02 -14.39
CA ILE B 76 13.00 25.06 -15.03
C ILE B 76 13.37 24.61 -16.43
N VAL B 77 13.18 25.51 -17.40
CA VAL B 77 13.71 25.35 -18.76
C VAL B 77 14.54 26.58 -19.06
N GLY B 78 15.73 26.37 -19.59
CA GLY B 78 16.61 27.49 -19.84
C GLY B 78 17.68 27.17 -20.87
N ILE B 79 18.67 28.05 -20.92
CA ILE B 79 19.79 27.94 -21.86
C ILE B 79 21.08 27.88 -21.05
N ALA B 80 21.97 26.98 -21.44
CA ALA B 80 23.27 26.93 -20.81
C ALA B 80 24.12 28.09 -21.30
N THR B 81 24.55 28.96 -20.37
CA THR B 81 25.39 30.09 -20.75
C THR B 81 26.88 29.81 -20.58
N GLU B 82 27.25 29.02 -19.58
CA GLU B 82 28.66 28.68 -19.38
C GLU B 82 28.76 27.39 -18.56
N VAL B 83 29.78 26.60 -18.88
CA VAL B 83 29.91 25.23 -18.39
C VAL B 83 31.30 25.05 -17.82
N GLY B 84 31.39 24.17 -16.82
CA GLY B 84 32.65 23.85 -16.21
C GLY B 84 33.59 23.12 -17.16
N SER B 85 34.87 23.11 -16.78
CA SER B 85 35.93 22.51 -17.59
C SER B 85 35.62 21.06 -17.99
N LYS B 86 35.12 20.27 -17.04
CA LYS B 86 34.95 18.83 -17.25
C LYS B 86 33.64 18.49 -17.96
N VAL B 87 32.73 19.44 -18.12
CA VAL B 87 31.42 19.16 -18.67
C VAL B 87 31.53 18.96 -20.17
N THR B 88 31.04 17.82 -20.65
CA THR B 88 31.05 17.51 -22.08
C THR B 88 29.68 17.13 -22.63
N LYS B 89 28.70 16.78 -21.79
CA LYS B 89 27.40 16.37 -22.28
C LYS B 89 26.59 17.53 -22.84
N ILE B 90 26.89 18.76 -22.43
CA ILE B 90 26.12 19.93 -22.79
C ILE B 90 27.05 20.96 -23.42
N LYS B 91 26.55 21.65 -24.45
CA LYS B 91 27.28 22.71 -25.12
C LYS B 91 26.63 24.05 -24.81
N VAL B 92 27.47 25.07 -24.61
CA VAL B 92 26.99 26.41 -24.34
C VAL B 92 26.05 26.87 -25.46
N GLY B 93 24.88 27.36 -25.07
CA GLY B 93 23.89 27.85 -26.01
C GLY B 93 22.73 26.90 -26.29
N GLU B 94 22.81 25.67 -25.81
CA GLU B 94 21.76 24.68 -26.05
C GLU B 94 20.71 24.73 -24.94
N LYS B 95 19.48 24.35 -25.30
CA LYS B 95 18.37 24.33 -24.35
C LYS B 95 18.58 23.21 -23.34
N VAL B 96 18.36 23.52 -22.05
CA VAL B 96 18.52 22.56 -20.97
C VAL B 96 17.33 22.68 -20.02
N ALA B 97 17.13 21.61 -19.24
CA ALA B 97 16.14 21.60 -18.17
C ALA B 97 16.80 21.05 -16.90
N VAL B 98 16.22 21.41 -15.76
CA VAL B 98 16.74 21.00 -14.46
C VAL B 98 15.78 19.98 -13.84
N ALA B 99 16.35 18.98 -13.15
CA ALA B 99 15.54 18.03 -12.43
C ALA B 99 14.91 18.69 -11.21
N ALA B 100 13.90 18.02 -10.64
CA ALA B 100 13.21 18.55 -9.48
C ALA B 100 14.06 18.54 -8.21
N TYR B 101 15.19 17.84 -8.22
CA TYR B 101 16.11 17.82 -7.09
C TYR B 101 17.50 18.21 -7.57
N LEU B 102 18.34 18.68 -6.64
CA LEU B 102 19.61 19.30 -6.99
C LEU B 102 20.85 18.51 -6.63
N GLY B 103 20.75 17.49 -5.77
CA GLY B 103 21.93 16.71 -5.45
C GLY B 103 21.58 15.54 -4.57
N THR B 104 22.56 14.65 -4.42
CA THR B 104 22.42 13.42 -3.65
C THR B 104 23.73 13.11 -2.93
N CYS B 105 23.63 12.25 -1.91
CA CYS B 105 24.82 11.80 -1.16
C CYS B 105 25.84 11.15 -2.09
N GLY B 106 25.40 10.32 -3.02
CA GLY B 106 26.27 9.69 -3.99
C GLY B 106 26.92 8.37 -3.57
N LYS B 107 26.64 7.86 -2.37
CA LYS B 107 27.23 6.59 -1.94
C LYS B 107 26.25 5.62 -1.30
N CYS B 108 24.97 5.96 -1.21
CA CYS B 108 23.99 4.96 -0.77
C CYS B 108 23.63 4.06 -1.96
N TYR B 109 22.86 3.01 -1.69
CA TYR B 109 22.45 2.11 -2.76
C TYR B 109 21.75 2.86 -3.89
N ASN B 110 20.74 3.66 -3.54
CA ASN B 110 19.96 4.36 -4.55
C ASN B 110 20.85 5.23 -5.45
N CYS B 111 21.76 5.98 -4.86
CA CYS B 111 22.59 6.90 -5.64
C CYS B 111 23.46 6.20 -6.66
N VAL B 112 24.15 5.13 -6.25
CA VAL B 112 25.17 4.54 -7.11
C VAL B 112 24.56 3.72 -8.25
N ASN B 113 23.27 3.36 -8.17
CA ASN B 113 22.61 2.61 -9.23
C ASN B 113 21.61 3.45 -10.01
N ASP B 114 21.75 4.78 -9.98
CA ASP B 114 20.93 5.68 -10.79
C ASP B 114 19.45 5.59 -10.44
N LEU B 115 19.17 5.45 -9.14
CA LEU B 115 17.84 5.61 -8.57
C LEU B 115 17.86 6.72 -7.53
N GLU B 116 18.56 7.82 -7.87
CA GLU B 116 18.97 8.80 -6.90
C GLU B 116 17.82 9.61 -6.33
N ASN B 117 16.67 9.67 -7.01
CA ASN B 117 15.56 10.45 -6.48
C ASN B 117 15.04 9.90 -5.16
N TYR B 118 15.31 8.63 -4.87
CA TYR B 118 14.92 8.01 -3.62
C TYR B 118 16.04 8.02 -2.57
N CYS B 119 17.11 8.76 -2.82
CA CYS B 119 18.18 8.87 -1.84
C CYS B 119 17.65 9.41 -0.51
N PRO B 120 18.07 8.83 0.62
CA PRO B 120 17.64 9.37 1.93
C PRO B 120 18.02 10.82 2.14
N GLU B 121 19.08 11.30 1.50
CA GLU B 121 19.60 12.65 1.69
C GLU B 121 19.47 13.46 0.40
N VAL B 122 18.35 13.31 -0.30
CA VAL B 122 18.14 14.02 -1.55
C VAL B 122 17.93 15.50 -1.27
N ILE B 123 18.57 16.34 -2.07
CA ILE B 123 18.47 17.79 -1.93
C ILE B 123 17.38 18.28 -2.87
N ILE B 124 16.29 18.81 -2.30
CA ILE B 124 15.12 19.22 -3.08
C ILE B 124 15.41 20.56 -3.74
N GLY B 125 14.54 20.93 -4.70
CA GLY B 125 14.79 22.07 -5.56
C GLY B 125 15.14 23.37 -4.87
N TYR B 126 14.56 23.62 -3.69
CA TYR B 126 14.80 24.91 -3.05
C TYR B 126 14.45 24.79 -1.56
N GLY B 127 14.99 25.74 -0.79
CA GLY B 127 14.62 25.87 0.60
C GLY B 127 15.40 25.03 1.60
N THR B 128 16.33 24.19 1.13
CA THR B 128 17.15 23.36 2.00
C THR B 128 18.61 23.53 1.63
N PRO B 129 19.53 23.19 2.54
CA PRO B 129 20.96 23.40 2.26
C PRO B 129 21.47 22.55 1.10
N TYR B 130 22.35 23.15 0.30
CA TYR B 130 23.12 22.44 -0.70
C TYR B 130 24.33 21.77 -0.04
N HIS B 131 25.15 21.10 -0.85
CA HIS B 131 26.35 20.45 -0.35
C HIS B 131 27.31 21.43 0.33
N ASP B 132 27.20 22.73 0.04
CA ASP B 132 28.08 23.72 0.64
C ASP B 132 27.44 24.45 1.81
N GLY B 133 26.29 23.98 2.28
CA GLY B 133 25.63 24.55 3.43
C GLY B 133 24.68 25.69 3.15
N THR B 134 24.75 26.30 1.97
CA THR B 134 23.91 27.46 1.65
C THR B 134 22.55 27.01 1.13
N ILE B 135 21.51 27.72 1.58
CA ILE B 135 20.15 27.47 1.12
C ILE B 135 20.08 27.55 -0.40
N ASN B 136 19.36 26.61 -1.01
CA ASN B 136 19.13 26.63 -2.45
C ASN B 136 17.97 27.54 -2.82
N TYR B 137 18.16 28.34 -3.86
CA TYR B 137 17.13 29.21 -4.42
C TYR B 137 16.59 28.62 -5.71
N GLY B 138 15.26 28.56 -5.83
CA GLY B 138 14.59 27.86 -6.91
C GLY B 138 14.54 28.65 -8.21
N GLY B 139 13.54 28.33 -9.03
CA GLY B 139 13.48 28.75 -10.41
C GLY B 139 12.88 30.11 -10.70
N LEU B 140 12.23 30.74 -9.72
CA LEU B 140 11.68 32.08 -9.92
C LEU B 140 12.82 33.11 -9.76
N SER B 141 13.77 33.02 -10.67
CA SER B 141 15.00 33.81 -10.64
C SER B 141 15.59 33.81 -12.04
N ASN B 142 16.59 34.67 -12.24
CA ASN B 142 17.08 34.94 -13.59
C ASN B 142 18.07 33.89 -14.07
N GLU B 143 18.90 33.35 -13.18
CA GLU B 143 19.85 32.32 -13.56
C GLU B 143 20.00 31.33 -12.42
N THR B 144 20.51 30.15 -12.74
CA THR B 144 20.83 29.15 -11.73
C THR B 144 22.10 28.41 -12.15
N VAL B 145 22.67 27.70 -11.19
CA VAL B 145 23.83 26.85 -11.42
C VAL B 145 23.50 25.48 -10.82
N VAL B 146 23.76 24.42 -11.58
CA VAL B 146 23.35 23.07 -11.22
C VAL B 146 24.44 22.10 -11.65
N ASN B 147 24.69 21.09 -10.81
CA ASN B 147 25.58 19.99 -11.18
C ASN B 147 25.08 19.32 -12.45
N GLU B 148 26.03 19.01 -13.35
CA GLU B 148 25.69 18.46 -14.67
C GLU B 148 24.82 17.20 -14.57
N ARG B 149 24.95 16.42 -13.50
CA ARG B 149 24.17 15.19 -13.38
C ARG B 149 22.68 15.47 -13.39
N PHE B 150 22.26 16.60 -12.84
CA PHE B 150 20.85 16.94 -12.69
C PHE B 150 20.37 17.95 -13.72
N VAL B 151 21.13 18.14 -14.81
CA VAL B 151 20.73 18.98 -15.93
C VAL B 151 20.45 18.08 -17.12
N LEU B 152 19.31 18.30 -17.77
CA LEU B 152 18.87 17.50 -18.90
C LEU B 152 19.01 18.26 -20.21
N ARG B 153 19.12 17.51 -21.30
CA ARG B 153 19.11 18.09 -22.64
C ARG B 153 17.65 18.21 -23.09
N PHE B 154 17.23 19.45 -23.39
CA PHE B 154 15.85 19.70 -23.79
C PHE B 154 15.69 19.49 -25.29
N PRO B 155 14.81 18.59 -25.72
CA PRO B 155 14.60 18.38 -27.16
C PRO B 155 14.28 19.69 -27.89
N GLU B 156 14.95 19.87 -29.03
CA GLU B 156 14.82 21.11 -29.79
C GLU B 156 13.39 21.31 -30.32
N LYS B 157 12.64 20.24 -30.53
CA LYS B 157 11.35 20.30 -31.19
C LYS B 157 10.19 20.33 -30.18
N LEU B 158 10.44 20.84 -28.98
CA LEU B 158 9.48 20.82 -27.90
C LEU B 158 9.32 22.23 -27.36
N SER B 159 8.07 22.66 -27.18
CA SER B 159 7.76 23.97 -26.62
C SER B 159 8.48 24.17 -25.29
N PRO B 160 9.39 25.15 -25.19
CA PRO B 160 10.01 25.41 -23.88
C PRO B 160 9.00 25.75 -22.79
N ALA B 161 7.99 26.54 -23.12
CA ALA B 161 6.96 26.89 -22.14
C ALA B 161 6.09 25.68 -21.79
N GLY B 162 5.55 25.00 -22.81
CA GLY B 162 4.69 23.85 -22.57
C GLY B 162 5.43 22.64 -22.03
N GLY B 163 6.74 22.58 -22.22
CA GLY B 163 7.53 21.47 -21.71
C GLY B 163 7.97 21.64 -20.26
N ALA B 164 8.02 22.88 -19.78
CA ALA B 164 8.43 23.15 -18.40
C ALA B 164 7.73 22.30 -17.36
N PRO B 165 6.39 22.17 -17.33
CA PRO B 165 5.75 21.36 -16.28
C PRO B 165 6.08 19.88 -16.35
N LEU B 166 6.74 19.40 -17.41
CA LEU B 166 7.15 17.99 -17.45
C LEU B 166 8.17 17.68 -16.37
N LEU B 167 8.98 18.66 -15.96
CA LEU B 167 10.14 18.36 -15.13
C LEU B 167 9.79 17.96 -13.70
N SER B 168 8.61 18.36 -13.20
CA SER B 168 8.10 17.80 -11.96
C SER B 168 6.80 17.03 -12.14
N ALA B 169 5.79 17.66 -12.76
CA ALA B 169 4.50 16.98 -12.96
C ALA B 169 4.64 15.82 -13.92
N GLY B 170 5.23 16.06 -15.08
CA GLY B 170 5.40 15.03 -16.09
C GLY B 170 6.16 13.82 -15.61
N ILE B 171 7.38 14.04 -15.09
CA ILE B 171 8.23 12.94 -14.66
C ILE B 171 7.55 12.12 -13.56
N THR B 172 6.85 12.79 -12.65
CA THR B 172 6.16 12.08 -11.57
C THR B 172 5.10 11.15 -12.13
N ALA B 173 4.35 11.62 -13.13
CA ALA B 173 3.34 10.76 -13.76
C ALA B 173 4.01 9.67 -14.60
N TYR B 174 4.96 10.06 -15.44
CA TYR B 174 5.70 9.11 -16.28
C TYR B 174 6.30 7.97 -15.45
N SER B 175 7.07 8.33 -14.41
CA SER B 175 7.78 7.31 -13.64
C SER B 175 6.82 6.38 -12.91
N ALA B 176 5.75 6.94 -12.32
CA ALA B 176 4.81 6.11 -11.58
C ALA B 176 4.15 5.06 -12.48
N MET B 177 3.94 5.39 -13.76
CA MET B 177 3.35 4.44 -14.70
C MET B 177 4.38 3.42 -15.18
N ARG B 178 5.56 3.90 -15.56
CA ARG B 178 6.62 3.01 -16.04
C ARG B 178 7.03 2.01 -14.95
N ASN B 179 7.26 2.50 -13.73
CA ASN B 179 7.79 1.65 -12.67
C ASN B 179 6.81 0.57 -12.23
N HIS B 180 5.51 0.76 -12.46
CA HIS B 180 4.51 -0.19 -11.99
C HIS B 180 3.71 -0.81 -13.13
N GLY B 181 4.21 -0.69 -14.36
CA GLY B 181 3.57 -1.34 -15.49
C GLY B 181 2.18 -0.83 -15.78
N LEU B 182 2.02 0.49 -15.78
CA LEU B 182 0.77 1.12 -16.20
C LEU B 182 0.94 1.82 -17.53
N ASP B 183 1.75 1.23 -18.40
CA ASP B 183 2.08 1.79 -19.71
C ASP B 183 1.85 0.80 -20.84
N LYS B 184 1.31 -0.39 -20.53
CA LYS B 184 1.10 -1.45 -21.50
C LYS B 184 -0.39 -1.58 -21.78
N PRO B 185 -0.82 -1.48 -23.05
CA PRO B 185 -2.25 -1.58 -23.36
C PRO B 185 -2.89 -2.81 -22.73
N GLY B 186 -4.17 -2.69 -22.41
CA GLY B 186 -4.91 -3.72 -21.71
C GLY B 186 -5.36 -3.29 -20.33
N ILE B 187 -4.73 -2.26 -19.77
CA ILE B 187 -4.96 -1.82 -18.40
C ILE B 187 -6.08 -0.79 -18.39
N HIS B 188 -7.03 -0.96 -17.47
CA HIS B 188 -8.03 0.07 -17.18
C HIS B 188 -7.49 0.95 -16.05
N LEU B 189 -7.00 2.13 -16.38
CA LEU B 189 -6.35 3.02 -15.43
C LEU B 189 -7.26 4.16 -15.01
N GLY B 190 -7.34 4.40 -13.71
CA GLY B 190 -8.01 5.57 -13.16
C GLY B 190 -7.01 6.66 -12.80
N VAL B 191 -7.38 7.92 -13.07
CA VAL B 191 -6.61 9.08 -12.66
C VAL B 191 -7.52 9.96 -11.82
N VAL B 192 -7.23 10.07 -10.52
CA VAL B 192 -8.01 10.91 -9.63
C VAL B 192 -7.40 12.30 -9.57
N GLY B 193 -8.20 13.31 -9.92
CA GLY B 193 -7.77 14.68 -9.81
C GLY B 193 -7.28 15.20 -11.14
N LEU B 194 -8.06 16.07 -11.79
CA LEU B 194 -7.67 16.61 -13.09
C LEU B 194 -7.01 17.97 -12.90
N GLY B 195 -5.77 17.91 -12.39
CA GLY B 195 -4.96 19.10 -12.23
C GLY B 195 -3.73 19.04 -13.11
N GLY B 196 -2.68 19.79 -12.73
CA GLY B 196 -1.45 19.74 -13.51
C GLY B 196 -0.88 18.35 -13.63
N LEU B 197 -0.82 17.63 -12.51
CA LEU B 197 -0.33 16.25 -12.53
C LEU B 197 -1.32 15.32 -13.22
N GLY B 198 -2.59 15.40 -12.83
CA GLY B 198 -3.60 14.51 -13.39
C GLY B 198 -3.73 14.62 -14.90
N HIS B 199 -3.78 15.85 -15.41
CA HIS B 199 -3.95 16.03 -16.85
C HIS B 199 -2.76 15.50 -17.64
N LEU B 200 -1.55 15.59 -17.07
CA LEU B 200 -0.38 15.04 -17.75
C LEU B 200 -0.33 13.53 -17.64
N ALA B 201 -0.89 12.97 -16.56
CA ALA B 201 -1.01 11.52 -16.48
C ALA B 201 -1.90 10.98 -17.60
N VAL B 202 -2.97 11.71 -17.94
CA VAL B 202 -3.87 11.28 -19.00
C VAL B 202 -3.17 11.29 -20.35
N LYS B 203 -2.38 12.33 -20.62
CA LYS B 203 -1.72 12.43 -21.92
C LYS B 203 -0.71 11.30 -22.13
N PHE B 204 0.05 10.95 -21.09
CA PHE B 204 1.03 9.88 -21.23
C PHE B 204 0.36 8.53 -21.40
N ALA B 205 -0.76 8.31 -20.71
CA ALA B 205 -1.50 7.06 -20.85
C ALA B 205 -2.04 6.89 -22.27
N LYS B 206 -2.56 7.97 -22.86
CA LYS B 206 -3.04 7.89 -24.24
C LYS B 206 -1.92 7.51 -25.19
N ALA B 207 -0.74 8.08 -24.99
CA ALA B 207 0.41 7.74 -25.84
C ALA B 207 0.95 6.35 -25.55
N PHE B 208 0.62 5.77 -24.40
CA PHE B 208 0.94 4.38 -24.09
C PHE B 208 -0.11 3.41 -24.61
N GLY B 209 -1.25 3.91 -25.08
CA GLY B 209 -2.34 3.06 -25.52
C GLY B 209 -3.09 2.43 -24.37
N VAL B 210 -3.34 3.19 -23.31
CA VAL B 210 -3.97 2.69 -22.09
C VAL B 210 -5.33 3.33 -21.94
N ARG B 211 -6.30 2.55 -21.45
CA ARG B 211 -7.66 3.04 -21.24
C ARG B 211 -7.72 3.83 -19.94
N VAL B 212 -8.21 5.07 -20.01
CA VAL B 212 -8.11 6.02 -18.90
C VAL B 212 -9.51 6.53 -18.57
N THR B 213 -9.94 6.28 -17.34
CA THR B 213 -11.11 6.94 -16.78
C THR B 213 -10.65 8.04 -15.82
N VAL B 214 -11.02 9.28 -16.14
CA VAL B 214 -10.79 10.40 -15.22
C VAL B 214 -11.83 10.36 -14.11
N ILE B 215 -11.37 10.31 -12.86
CA ILE B 215 -12.22 10.41 -11.69
C ILE B 215 -12.04 11.80 -11.11
N SER B 216 -13.14 12.55 -10.97
CA SER B 216 -13.08 13.92 -10.48
C SER B 216 -14.30 14.22 -9.62
N THR B 217 -14.14 15.23 -8.76
CA THR B 217 -15.26 15.83 -8.05
C THR B 217 -15.84 17.04 -8.76
N THR B 218 -15.22 17.52 -9.83
CA THR B 218 -15.72 18.68 -10.55
C THR B 218 -16.33 18.23 -11.88
N PRO B 219 -17.66 18.21 -12.01
CA PRO B 219 -18.26 17.74 -13.27
C PRO B 219 -18.02 18.66 -14.45
N SER B 220 -17.55 19.89 -14.22
CA SER B 220 -17.32 20.83 -15.30
C SER B 220 -16.03 20.54 -16.08
N LYS B 221 -15.24 19.58 -15.65
CA LYS B 221 -14.03 19.17 -16.36
C LYS B 221 -14.28 18.05 -17.36
N LYS B 222 -15.49 17.49 -17.37
CA LYS B 222 -15.83 16.39 -18.26
C LYS B 222 -15.52 16.70 -19.72
N ASP B 223 -15.91 17.90 -20.19
CA ASP B 223 -15.72 18.24 -21.59
C ASP B 223 -14.24 18.31 -21.96
N GLU B 224 -13.43 18.95 -21.12
CA GLU B 224 -11.99 19.00 -21.37
C GLU B 224 -11.38 17.61 -21.27
N ALA B 225 -11.82 16.81 -20.30
CA ALA B 225 -11.28 15.46 -20.12
C ALA B 225 -11.49 14.61 -21.37
N ILE B 226 -12.73 14.57 -21.87
CA ILE B 226 -13.04 13.67 -22.98
C ILE B 226 -12.61 14.28 -24.31
N ASN B 227 -13.13 15.47 -24.63
CA ASN B 227 -12.87 16.06 -25.95
C ASN B 227 -11.42 16.49 -26.10
N ASN B 228 -10.93 17.33 -25.20
CA ASN B 228 -9.61 17.94 -25.36
C ASN B 228 -8.49 16.97 -24.99
N LEU B 229 -8.62 16.26 -23.88
CA LEU B 229 -7.52 15.44 -23.38
C LEU B 229 -7.50 14.07 -24.05
N GLY B 230 -8.67 13.49 -24.27
CA GLY B 230 -8.75 12.16 -24.84
C GLY B 230 -9.06 11.07 -23.84
N ALA B 231 -9.65 11.40 -22.70
CA ALA B 231 -10.03 10.39 -21.72
C ALA B 231 -11.10 9.48 -22.30
N ASP B 232 -10.98 8.18 -22.04
CA ASP B 232 -11.95 7.22 -22.52
C ASP B 232 -13.26 7.27 -21.75
N ALA B 233 -13.24 7.82 -20.54
CA ALA B 233 -14.45 7.92 -19.72
C ALA B 233 -14.22 8.95 -18.63
N PHE B 234 -15.31 9.29 -17.93
CA PHE B 234 -15.30 10.30 -16.90
C PHE B 234 -16.26 9.85 -15.81
N LEU B 235 -15.77 9.84 -14.57
CA LEU B 235 -16.51 9.35 -13.41
C LEU B 235 -16.65 10.46 -12.38
N PHE B 236 -17.89 10.81 -12.05
CA PHE B 236 -18.14 11.78 -10.98
C PHE B 236 -17.99 11.06 -9.64
N SER B 237 -17.09 11.56 -8.80
CA SER B 237 -16.67 10.88 -7.58
C SER B 237 -17.66 11.02 -6.43
N ARG B 238 -18.73 11.79 -6.58
CA ARG B 238 -19.78 11.86 -5.58
C ARG B 238 -21.09 11.27 -6.06
N ASP B 239 -21.17 10.83 -7.31
CA ASP B 239 -22.36 10.23 -7.90
C ASP B 239 -22.31 8.75 -7.53
N ASP B 240 -22.95 8.41 -6.39
CA ASP B 240 -22.88 7.06 -5.83
C ASP B 240 -23.22 5.98 -6.85
N LYS B 241 -24.29 6.20 -7.64
CA LYS B 241 -24.67 5.22 -8.65
C LYS B 241 -23.50 4.91 -9.59
N GLN B 242 -22.92 5.96 -10.16
CA GLN B 242 -21.73 5.80 -11.00
C GLN B 242 -20.63 5.05 -10.27
N MET B 243 -20.33 5.46 -9.03
CA MET B 243 -19.24 4.84 -8.27
C MET B 243 -19.54 3.36 -7.99
N ARG B 244 -20.75 3.07 -7.50
CA ARG B 244 -21.11 1.69 -7.19
C ARG B 244 -21.20 0.81 -8.43
N ALA B 245 -21.31 1.42 -9.62
CA ALA B 245 -21.34 0.65 -10.86
C ALA B 245 -19.94 0.27 -11.32
N ALA B 246 -18.95 1.10 -11.03
CA ALA B 246 -17.56 0.86 -11.44
C ALA B 246 -16.80 -0.02 -10.46
N ILE B 247 -17.43 -0.47 -9.39
CA ILE B 247 -16.78 -1.30 -8.37
C ILE B 247 -16.11 -2.51 -9.02
N GLY B 248 -14.80 -2.65 -8.80
CA GLY B 248 -14.05 -3.81 -9.24
C GLY B 248 -13.57 -3.76 -10.67
N THR B 249 -13.58 -2.59 -11.31
CA THR B 249 -13.33 -2.47 -12.74
C THR B 249 -11.96 -1.92 -13.09
N PHE B 250 -11.19 -1.43 -12.10
CA PHE B 250 -9.93 -0.75 -12.36
C PHE B 250 -8.76 -1.65 -11.99
N ASP B 251 -7.78 -1.74 -12.90
CA ASP B 251 -6.54 -2.45 -12.60
C ASP B 251 -5.60 -1.62 -11.74
N ALA B 252 -5.66 -0.29 -11.85
CA ALA B 252 -4.81 0.59 -11.08
C ALA B 252 -5.37 2.00 -11.14
N ILE B 253 -4.98 2.81 -10.16
CA ILE B 253 -5.45 4.18 -10.03
C ILE B 253 -4.29 5.06 -9.59
N ILE B 254 -4.08 6.17 -10.29
CA ILE B 254 -3.07 7.15 -9.92
C ILE B 254 -3.78 8.29 -9.20
N ASP B 255 -3.43 8.51 -7.94
CA ASP B 255 -4.05 9.52 -7.10
C ASP B 255 -3.15 10.74 -7.06
N THR B 256 -3.60 11.83 -7.68
CA THR B 256 -2.83 13.06 -7.79
C THR B 256 -3.27 14.14 -6.81
N LEU B 257 -4.23 13.86 -5.92
CA LEU B 257 -4.83 14.91 -5.10
C LEU B 257 -3.87 15.37 -4.01
N ALA B 258 -3.72 16.69 -3.87
CA ALA B 258 -2.94 17.30 -2.80
C ALA B 258 -3.73 17.53 -1.52
N VAL B 259 -5.04 17.33 -1.54
CA VAL B 259 -5.89 17.59 -0.39
C VAL B 259 -6.24 16.26 0.27
N VAL B 260 -6.55 16.32 1.57
CA VAL B 260 -7.08 15.14 2.25
C VAL B 260 -8.38 14.72 1.58
N HIS B 261 -8.66 13.41 1.58
CA HIS B 261 -9.81 12.86 0.87
C HIS B 261 -9.97 11.38 1.19
N PRO B 262 -11.18 10.81 1.08
CA PRO B 262 -11.35 9.40 1.41
C PRO B 262 -10.70 8.50 0.37
N ILE B 263 -10.21 7.35 0.85
CA ILE B 263 -9.55 6.38 -0.02
C ILE B 263 -10.39 5.12 -0.20
N ALA B 264 -11.13 4.68 0.84
CA ALA B 264 -12.04 3.55 0.73
C ALA B 264 -12.83 3.50 -0.56
N PRO B 265 -13.50 4.57 -1.01
CA PRO B 265 -14.19 4.48 -2.32
C PRO B 265 -13.24 4.12 -3.45
N LEU B 266 -12.02 4.66 -3.44
CA LEU B 266 -11.07 4.38 -4.50
C LEU B 266 -10.60 2.92 -4.47
N LEU B 267 -10.57 2.30 -3.29
CA LEU B 267 -10.15 0.91 -3.21
C LEU B 267 -11.21 -0.03 -3.77
N ASP B 268 -12.49 0.25 -3.50
CA ASP B 268 -13.56 -0.56 -4.09
C ASP B 268 -13.51 -0.55 -5.61
N LEU B 269 -13.07 0.57 -6.21
CA LEU B 269 -12.98 0.65 -7.66
C LEU B 269 -11.93 -0.29 -8.23
N LEU B 270 -11.01 -0.78 -7.41
CA LEU B 270 -9.95 -1.66 -7.89
C LEU B 270 -10.42 -3.10 -7.91
N ARG B 271 -9.93 -3.86 -8.88
CA ARG B 271 -10.08 -5.30 -8.85
C ARG B 271 -9.11 -5.90 -7.82
N SER B 272 -9.35 -7.17 -7.47
CA SER B 272 -8.46 -7.89 -6.57
C SER B 272 -7.00 -7.71 -6.99
N HIS B 273 -6.13 -7.44 -6.01
CA HIS B 273 -4.70 -7.27 -6.19
C HIS B 273 -4.34 -5.99 -6.94
N GLY B 274 -5.28 -5.04 -7.03
CA GLY B 274 -5.02 -3.80 -7.72
C GLY B 274 -4.16 -2.83 -6.92
N LYS B 275 -3.57 -1.88 -7.62
CA LYS B 275 -2.60 -0.94 -7.05
C LYS B 275 -3.18 0.48 -7.07
N LEU B 276 -3.11 1.15 -5.92
CA LEU B 276 -3.41 2.58 -5.82
C LEU B 276 -2.09 3.33 -5.65
N VAL B 277 -1.71 4.11 -6.66
CA VAL B 277 -0.43 4.81 -6.69
C VAL B 277 -0.63 6.24 -6.23
N LEU B 278 0.06 6.62 -5.14
CA LEU B 278 -0.01 7.98 -4.60
C LEU B 278 1.12 8.81 -5.17
N VAL B 279 0.77 9.91 -5.84
CA VAL B 279 1.77 10.86 -6.33
C VAL B 279 1.54 12.27 -5.81
N GLY B 280 0.39 12.56 -5.19
CA GLY B 280 0.19 13.81 -4.50
C GLY B 280 0.58 13.71 -3.04
N ALA B 281 1.12 14.79 -2.50
CA ALA B 281 1.61 14.83 -1.12
C ALA B 281 0.70 15.68 -0.24
N PRO B 282 -0.38 15.13 0.31
CA PRO B 282 -1.22 15.90 1.23
C PRO B 282 -0.43 16.35 2.47
N SER B 283 -0.74 17.55 2.94
CA SER B 283 -0.12 18.06 4.16
C SER B 283 -0.47 17.19 5.36
N LYS B 284 -1.75 16.85 5.49
CA LYS B 284 -2.23 16.04 6.60
C LYS B 284 -2.27 14.57 6.20
N PRO B 285 -2.45 13.66 7.16
CA PRO B 285 -2.52 12.24 6.82
C PRO B 285 -3.92 11.76 6.46
N LEU B 286 -3.96 10.76 5.58
CA LEU B 286 -5.20 10.14 5.14
C LEU B 286 -5.61 9.02 6.09
N GLU B 287 -6.86 8.61 5.98
CA GLU B 287 -7.44 7.56 6.82
C GLU B 287 -7.53 6.27 6.02
N LEU B 288 -6.80 5.25 6.46
CA LEU B 288 -6.66 3.99 5.72
C LEU B 288 -7.61 2.94 6.26
N PRO B 289 -8.65 2.57 5.50
CA PRO B 289 -9.52 1.46 5.88
C PRO B 289 -8.91 0.11 5.56
N THR B 290 -8.67 -0.71 6.58
CA THR B 290 -7.95 -1.94 6.31
C THR B 290 -8.87 -3.02 5.74
N ILE B 291 -10.17 -2.96 6.07
CA ILE B 291 -11.10 -3.98 5.59
C ILE B 291 -11.13 -4.07 4.06
N PRO B 292 -11.27 -2.97 3.30
CA PRO B 292 -11.15 -3.10 1.84
C PRO B 292 -9.78 -3.56 1.38
N LEU B 293 -8.72 -2.93 1.89
CA LEU B 293 -7.35 -3.29 1.52
C LEU B 293 -7.10 -4.79 1.68
N LEU B 294 -7.46 -5.33 2.84
CA LEU B 294 -7.17 -6.74 3.12
C LEU B 294 -8.01 -7.67 2.25
N SER B 295 -9.34 -7.53 2.32
CA SER B 295 -10.23 -8.46 1.63
C SER B 295 -9.95 -8.50 0.13
N GLY B 296 -9.68 -7.35 -0.48
CA GLY B 296 -9.33 -7.33 -1.89
C GLY B 296 -7.90 -7.71 -2.19
N GLY B 297 -7.03 -7.70 -1.19
CA GLY B 297 -5.61 -7.93 -1.42
C GLY B 297 -4.95 -6.84 -2.23
N LYS B 298 -5.27 -5.58 -1.94
CA LYS B 298 -4.85 -4.43 -2.71
C LYS B 298 -3.59 -3.81 -2.12
N SER B 299 -3.04 -2.83 -2.85
CA SER B 299 -1.76 -2.24 -2.49
C SER B 299 -1.84 -0.72 -2.54
N LEU B 300 -1.20 -0.08 -1.56
CA LEU B 300 -1.02 1.36 -1.51
C LEU B 300 0.45 1.64 -1.80
N ILE B 301 0.74 2.42 -2.83
CA ILE B 301 2.11 2.61 -3.32
C ILE B 301 2.38 4.09 -3.47
N GLY B 302 3.45 4.58 -2.85
CA GLY B 302 3.89 5.94 -3.01
C GLY B 302 4.98 6.07 -4.06
N SER B 303 4.98 7.19 -4.76
CA SER B 303 5.99 7.47 -5.78
C SER B 303 6.30 8.95 -5.78
N ALA B 304 7.58 9.29 -5.97
CA ALA B 304 8.02 10.68 -6.00
C ALA B 304 8.96 10.88 -7.18
N ALA B 305 8.62 11.81 -8.07
CA ALA B 305 9.44 12.19 -9.22
C ALA B 305 9.99 10.97 -9.96
N GLY B 306 11.24 11.06 -10.38
CA GLY B 306 11.91 9.98 -11.09
C GLY B 306 13.39 10.30 -11.19
N ASN B 307 14.15 9.30 -11.63
CA ASN B 307 15.58 9.52 -11.72
C ASN B 307 15.93 10.30 -12.98
N VAL B 308 17.16 10.83 -13.02
CA VAL B 308 17.57 11.71 -14.11
C VAL B 308 17.61 10.95 -15.43
N LYS B 309 17.95 9.66 -15.40
CA LYS B 309 17.91 8.87 -16.64
C LYS B 309 16.49 8.73 -17.15
N GLN B 310 15.54 8.48 -16.26
CA GLN B 310 14.13 8.46 -16.65
C GLN B 310 13.68 9.83 -17.14
N THR B 311 14.08 10.90 -16.44
CA THR B 311 13.66 12.24 -16.81
C THR B 311 14.11 12.58 -18.23
N GLN B 312 15.32 12.19 -18.62
CA GLN B 312 15.77 12.42 -19.99
C GLN B 312 15.02 11.53 -20.97
N GLU B 313 14.73 10.29 -20.56
CA GLU B 313 13.97 9.38 -21.40
C GLU B 313 12.53 9.86 -21.55
N MET B 314 11.95 10.39 -20.48
CA MET B 314 10.62 10.98 -20.59
C MET B 314 10.63 12.18 -21.53
N LEU B 315 11.67 13.01 -21.46
CA LEU B 315 11.74 14.18 -22.34
C LEU B 315 11.85 13.77 -23.79
N ASP B 316 12.57 12.68 -24.08
CA ASP B 316 12.67 12.20 -25.46
C ASP B 316 11.37 11.56 -25.92
N PHE B 317 10.63 10.94 -25.00
CA PHE B 317 9.35 10.34 -25.38
C PHE B 317 8.27 11.39 -25.60
N ALA B 318 8.42 12.57 -25.01
CA ALA B 318 7.43 13.63 -25.20
C ALA B 318 7.67 14.40 -26.49
N ALA B 319 8.93 14.48 -26.94
CA ALA B 319 9.22 15.05 -28.24
C ALA B 319 8.62 14.20 -29.35
N GLU B 320 8.89 12.88 -29.32
CA GLU B 320 8.40 11.98 -30.36
C GLU B 320 6.88 12.01 -30.45
N HIS B 321 6.19 11.94 -29.31
CA HIS B 321 4.74 11.83 -29.28
C HIS B 321 4.05 13.18 -29.07
N ASP B 322 4.80 14.28 -29.14
CA ASP B 322 4.26 15.63 -28.98
C ASP B 322 3.34 15.75 -27.75
N ILE B 323 3.91 15.48 -26.58
CA ILE B 323 3.21 15.67 -25.32
C ILE B 323 3.71 16.94 -24.67
N THR B 324 2.80 17.89 -24.44
CA THR B 324 3.09 19.11 -23.71
C THR B 324 1.94 19.37 -22.73
N ALA B 325 2.18 20.26 -21.78
CA ALA B 325 1.13 20.64 -20.85
C ALA B 325 0.29 21.76 -21.44
N ASN B 326 -0.97 21.83 -21.01
CA ASN B 326 -1.85 22.94 -21.35
C ASN B 326 -1.61 24.05 -20.33
N ILE B 327 -1.00 25.15 -20.77
CA ILE B 327 -0.44 26.13 -19.86
C ILE B 327 -1.00 27.51 -20.11
N GLU B 328 -0.92 28.35 -19.07
CA GLU B 328 -1.10 29.79 -19.17
C GLU B 328 0.23 30.45 -18.82
N VAL B 329 0.83 31.14 -19.80
CA VAL B 329 2.08 31.86 -19.55
C VAL B 329 1.77 33.16 -18.84
N ILE B 330 2.44 33.40 -17.72
CA ILE B 330 2.14 34.55 -16.86
C ILE B 330 3.41 35.34 -16.59
N PRO B 331 3.32 36.65 -16.36
CA PRO B 331 4.48 37.39 -15.87
C PRO B 331 4.74 37.07 -14.41
N ILE B 332 5.99 37.28 -13.99
CA ILE B 332 6.40 36.90 -12.63
C ILE B 332 5.63 37.69 -11.59
N ASP B 333 5.27 38.94 -11.85
CA ASP B 333 4.59 39.73 -10.84
C ASP B 333 3.10 39.39 -10.74
N TYR B 334 2.62 38.44 -11.54
CA TYR B 334 1.31 37.84 -11.39
C TYR B 334 1.31 36.63 -10.46
N ILE B 335 2.49 36.25 -9.94
CA ILE B 335 2.64 34.99 -9.22
C ILE B 335 1.71 34.94 -8.00
N ASN B 336 1.56 36.05 -7.29
CA ASN B 336 0.74 36.03 -6.08
C ASN B 336 -0.73 35.81 -6.42
N THR B 337 -1.19 36.38 -7.54
CA THR B 337 -2.55 36.09 -8.00
C THR B 337 -2.66 34.65 -8.50
N ALA B 338 -1.61 34.15 -9.15
CA ALA B 338 -1.63 32.79 -9.66
C ALA B 338 -1.78 31.77 -8.53
N MET B 339 -1.10 31.98 -7.41
CA MET B 339 -1.25 31.08 -6.26
C MET B 339 -2.70 31.04 -5.79
N GLU B 340 -3.35 32.20 -5.67
CA GLU B 340 -4.75 32.24 -5.26
C GLU B 340 -5.63 31.42 -6.19
N ARG B 341 -5.43 31.56 -7.50
CA ARG B 341 -6.21 30.80 -8.46
C ARG B 341 -5.92 29.30 -8.35
N LEU B 342 -4.66 28.94 -8.11
CA LEU B 342 -4.30 27.55 -7.96
C LEU B 342 -4.91 26.96 -6.69
N ASP B 343 -5.03 27.77 -5.63
CA ASP B 343 -5.66 27.30 -4.40
C ASP B 343 -7.11 26.90 -4.62
N LYS B 344 -7.79 27.54 -5.58
CA LYS B 344 -9.18 27.24 -5.90
C LYS B 344 -9.31 26.33 -7.12
N GLY B 345 -8.21 25.80 -7.64
CA GLY B 345 -8.24 25.01 -8.86
C GLY B 345 -8.74 25.73 -10.09
N ASP B 346 -8.58 27.06 -10.13
CA ASP B 346 -9.03 27.87 -11.27
C ASP B 346 -7.91 27.98 -12.31
N ILE B 347 -7.51 26.82 -12.85
CA ILE B 347 -6.49 26.78 -13.90
C ILE B 347 -6.68 25.51 -14.70
N ARG B 348 -6.48 25.61 -16.02
CA ARG B 348 -6.51 24.48 -16.94
C ARG B 348 -5.29 24.58 -17.86
N PHE B 349 -4.17 23.97 -17.47
CA PHE B 349 -4.05 23.21 -16.22
C PHE B 349 -2.79 23.56 -15.44
N ARG B 350 -1.98 24.48 -15.95
CA ARG B 350 -0.66 24.74 -15.38
C ARG B 350 -0.20 26.16 -15.66
N PHE B 351 0.14 26.89 -14.60
CA PHE B 351 0.82 28.17 -14.75
C PHE B 351 2.29 27.97 -15.09
N VAL B 352 2.81 28.80 -15.99
CA VAL B 352 4.22 28.79 -16.35
C VAL B 352 4.69 30.25 -16.42
N VAL B 353 5.70 30.58 -15.61
CA VAL B 353 6.17 31.96 -15.53
C VAL B 353 7.19 32.22 -16.63
N ASP B 354 7.01 33.32 -17.36
CA ASP B 354 7.96 33.77 -18.37
C ASP B 354 9.03 34.59 -17.68
N ILE B 355 10.17 33.96 -17.37
CA ILE B 355 11.23 34.61 -16.61
C ILE B 355 12.01 35.58 -17.48
N GLU B 356 12.39 35.14 -18.69
CA GLU B 356 13.23 35.95 -19.55
C GLU B 356 12.65 37.35 -19.81
N ASN B 357 11.36 37.42 -20.12
CA ASN B 357 10.77 38.66 -20.62
C ASN B 357 10.04 39.48 -19.56
N THR B 358 9.82 38.96 -18.36
CA THR B 358 9.03 39.67 -17.35
C THR B 358 9.74 39.87 -16.02
N LEU B 359 10.93 39.30 -15.85
CA LEU B 359 11.71 39.52 -14.61
C LEU B 359 12.57 40.76 -14.81
N THR B 360 12.40 41.76 -13.94
CA THR B 360 13.14 43.04 -14.11
C THR B 360 14.40 43.02 -13.25
N PRO B 361 15.55 43.50 -13.76
CA PRO B 361 16.81 43.47 -13.02
C PRO B 361 16.74 44.23 -11.70
N PRO B 362 16.78 43.52 -10.54
CA PRO B 362 16.79 44.20 -9.25
C PRO B 362 15.71 45.29 -9.16
#